data_2BIG
#
_entry.id   2BIG
#
_cell.length_a   143.801
_cell.length_b   84.297
_cell.length_c   67.264
_cell.angle_alpha   90.00
_cell.angle_beta   90.00
_cell.angle_gamma   90.00
#
_symmetry.space_group_name_H-M   'P 21 21 2'
#
loop_
_entity.id
_entity.type
_entity.pdbx_description
1 polymer 'PHOSPHOSERINE AMINOTRANSFERASE'
2 non-polymer "PYRIDOXAL-5'-PHOSPHATE"
3 non-polymer 'MAGNESIUM ION'
4 non-polymer 'CHLORIDE ION'
5 non-polymer 'TRIETHYLENE GLYCOL'
6 non-polymer DI(HYDROXYETHYL)ETHER
7 water water
#
_entity_poly.entity_id   1
_entity_poly.type   'polypeptide(L)'
_entity_poly.pdbx_seq_one_letter_code
;MVKQVFNFNAGPSALPKPALERAQKELLNFNDTQMSVMELSHRSQSYEEVHEQAQNLLRELLQIPNDYQILFLQGGASLQ
FTMLPMNLLTKGTIGNYVLTGSWSEKALKEAKLLGETHIAASTKANSYQSIPDFSEFQLNENDAYLHITSNNTIYGTQYQ
NFPEINHAPLIADMSSDILSRPLKVNQFGMIYAGAQKNLGPSGVTVVIVKKDLLNTKVEQVPTMLQYATHIKSDSLYNTP
PTFSIYMLRNVLDWIKDLGGAEAIAKQNEEKAKIIYDTIDESNGFYVGHAEKGSRSLMNVTFNLRNEELNQQFLAKAKEQ
GFVGLNGHRSVGGCRASIYNAVPIDACIALRELMIQFKENA
;
_entity_poly.pdbx_strand_id   A,B
#
loop_
_chem_comp.id
_chem_comp.type
_chem_comp.name
_chem_comp.formula
CL non-polymer 'CHLORIDE ION' 'Cl -1'
MG non-polymer 'MAGNESIUM ION' 'Mg 2'
PEG non-polymer DI(HYDROXYETHYL)ETHER 'C4 H10 O3'
PGE non-polymer 'TRIETHYLENE GLYCOL' 'C6 H14 O4'
PLP non-polymer PYRIDOXAL-5'-PHOSPHATE 'C8 H10 N O6 P'
#
# COMPACT_ATOMS: atom_id res chain seq x y z
N GLN A 4 -32.01 -0.16 3.77
CA GLN A 4 -31.49 0.16 2.44
C GLN A 4 -30.27 1.07 2.50
N VAL A 5 -29.24 0.69 1.75
CA VAL A 5 -28.00 1.45 1.69
C VAL A 5 -27.60 1.66 0.23
N PHE A 6 -27.32 2.90 -0.12
CA PHE A 6 -26.91 3.24 -1.47
C PHE A 6 -25.55 3.86 -1.40
N ASN A 7 -24.55 3.18 -1.96
CA ASN A 7 -23.16 3.59 -1.76
C ASN A 7 -22.60 4.43 -2.91
N PHE A 8 -22.63 5.72 -2.68
CA PHE A 8 -22.10 6.72 -3.60
C PHE A 8 -20.75 7.26 -3.12
N ASN A 9 -20.02 6.47 -2.34
CA ASN A 9 -18.71 6.92 -1.89
C ASN A 9 -17.79 7.20 -3.06
N ALA A 10 -16.96 8.24 -2.84
CA ALA A 10 -16.10 8.78 -3.85
C ALA A 10 -14.71 8.16 -3.92
N GLY A 11 -14.35 7.34 -2.99
CA GLY A 11 -13.01 6.79 -2.95
C GLY A 11 -12.52 6.49 -1.57
N PRO A 12 -12.24 5.26 -1.14
CA PRO A 12 -12.70 4.01 -1.73
C PRO A 12 -14.24 3.98 -1.92
N SER A 13 -14.70 3.00 -2.67
CA SER A 13 -16.02 3.09 -3.28
C SER A 13 -16.60 1.69 -3.37
N ALA A 14 -17.81 1.63 -3.91
CA ALA A 14 -18.50 0.36 -4.08
C ALA A 14 -17.67 -0.61 -4.89
N LEU A 15 -17.66 -1.85 -4.50
CA LEU A 15 -17.07 -2.95 -5.27
C LEU A 15 -18.18 -3.80 -5.85
N PRO A 16 -17.88 -4.54 -6.90
CA PRO A 16 -18.91 -5.45 -7.41
C PRO A 16 -19.07 -6.59 -6.41
N LYS A 17 -20.30 -6.85 -6.00
CA LYS A 17 -20.53 -7.89 -5.01
C LYS A 17 -19.89 -9.24 -5.36
N PRO A 18 -19.93 -9.69 -6.59
CA PRO A 18 -19.30 -11.00 -6.81
C PRO A 18 -17.82 -11.02 -6.49
N ALA A 19 -17.10 -9.92 -6.63
CA ALA A 19 -15.68 -9.89 -6.28
C ALA A 19 -15.49 -10.08 -4.76
N LEU A 20 -16.38 -9.44 -4.00
CA LEU A 20 -16.33 -9.52 -2.57
C LEU A 20 -16.81 -10.89 -2.08
N GLU A 21 -17.86 -11.47 -2.70
CA GLU A 21 -18.36 -12.76 -2.29
C GLU A 21 -17.29 -13.83 -2.57
N ARG A 22 -16.60 -13.70 -3.69
CA ARG A 22 -15.50 -14.61 -4.04
C ARG A 22 -14.39 -14.53 -2.99
N ALA A 23 -14.03 -13.28 -2.66
CA ALA A 23 -12.98 -13.10 -1.64
C ALA A 23 -13.39 -13.69 -0.30
N GLN A 24 -14.65 -13.49 0.08
CA GLN A 24 -15.14 -14.01 1.36
C GLN A 24 -15.03 -15.54 1.40
N LYS A 25 -15.52 -16.18 0.34
CA LYS A 25 -15.57 -17.62 0.33
C LYS A 25 -14.21 -18.25 0.47
N GLU A 26 -13.20 -17.67 -0.16
CA GLU A 26 -11.85 -18.27 -0.14
C GLU A 26 -10.89 -17.55 0.77
N LEU A 27 -11.37 -16.71 1.70
CA LEU A 27 -10.49 -15.89 2.53
C LEU A 27 -9.55 -16.71 3.40
N LEU A 28 -9.97 -17.89 3.83
CA LEU A 28 -9.12 -18.71 4.69
C LEU A 28 -8.36 -19.81 3.97
N ASN A 29 -8.81 -20.19 2.77
CA ASN A 29 -8.24 -21.29 2.02
C ASN A 29 -8.26 -20.92 0.55
N PHE A 30 -7.20 -20.30 0.10
CA PHE A 30 -7.06 -19.83 -1.28
C PHE A 30 -6.40 -20.90 -2.13
N ASN A 31 -6.97 -21.29 -3.25
CA ASN A 31 -6.40 -22.17 -4.23
C ASN A 31 -5.94 -23.48 -3.60
N ASP A 32 -6.74 -23.99 -2.66
CA ASP A 32 -6.50 -25.26 -1.98
C ASP A 32 -5.21 -25.30 -1.16
N THR A 33 -4.66 -24.15 -0.82
CA THR A 33 -3.44 -24.07 -0.07
C THR A 33 -3.62 -24.14 1.45
N GLN A 34 -4.87 -23.96 1.88
CA GLN A 34 -5.21 -23.88 3.31
C GLN A 34 -4.63 -22.64 3.97
N MET A 35 -4.26 -21.64 3.17
CA MET A 35 -3.85 -20.34 3.63
C MET A 35 -4.66 -19.27 2.91
N SER A 36 -4.84 -18.13 3.53
CA SER A 36 -5.37 -16.97 2.85
C SER A 36 -4.42 -16.46 1.80
N VAL A 37 -4.91 -15.79 0.78
CA VAL A 37 -4.03 -15.13 -0.16
C VAL A 37 -3.16 -14.17 0.63
N MET A 38 -3.58 -13.59 1.75
CA MET A 38 -2.88 -12.67 2.62
C MET A 38 -1.74 -13.31 3.38
N GLU A 39 -1.70 -14.62 3.44
CA GLU A 39 -0.70 -15.39 4.19
C GLU A 39 0.34 -16.05 3.31
N LEU A 40 0.24 -15.86 2.00
CA LEU A 40 1.12 -16.52 1.02
C LEU A 40 2.36 -15.68 0.76
N SER A 41 3.47 -16.32 0.40
CA SER A 41 4.58 -15.61 -0.19
C SER A 41 4.24 -14.99 -1.53
N HIS A 42 4.76 -13.80 -1.79
CA HIS A 42 4.63 -13.23 -3.15
C HIS A 42 5.42 -13.98 -4.19
N ARG A 43 6.23 -14.93 -3.77
CA ARG A 43 6.95 -15.81 -4.69
C ARG A 43 6.30 -17.17 -4.83
N SER A 44 5.14 -17.40 -4.22
CA SER A 44 4.45 -18.65 -4.36
C SER A 44 3.83 -18.75 -5.74
N GLN A 45 3.66 -19.96 -6.23
CA GLN A 45 2.94 -20.10 -7.51
C GLN A 45 1.55 -19.52 -7.41
N SER A 46 0.84 -19.67 -6.30
CA SER A 46 -0.55 -19.24 -6.21
C SER A 46 -0.61 -17.73 -6.29
N TYR A 47 0.30 -17.04 -5.62
CA TYR A 47 0.27 -15.58 -5.73
C TYR A 47 0.71 -15.16 -7.12
N GLU A 48 1.82 -15.75 -7.64
CA GLU A 48 2.33 -15.31 -8.93
C GLU A 48 1.25 -15.40 -10.02
N GLU A 49 0.42 -16.43 -9.91
CA GLU A 49 -0.69 -16.60 -10.84
C GLU A 49 -1.68 -15.43 -10.75
N VAL A 50 -2.01 -14.99 -9.55
CA VAL A 50 -2.89 -13.84 -9.37
C VAL A 50 -2.29 -12.57 -9.95
N HIS A 51 -1.00 -12.35 -9.63
CA HIS A 51 -0.30 -11.15 -10.06
C HIS A 51 -0.31 -11.07 -11.57
N GLU A 52 0.02 -12.17 -12.22
CA GLU A 52 0.05 -12.25 -13.68
C GLU A 52 -1.35 -12.12 -14.28
N GLN A 53 -2.33 -12.79 -13.68
CA GLN A 53 -3.68 -12.69 -14.22
C GLN A 53 -4.22 -11.28 -14.12
N ALA A 54 -3.91 -10.56 -13.03
CA ALA A 54 -4.37 -9.16 -12.97
C ALA A 54 -3.79 -8.35 -14.10
N GLN A 55 -2.53 -8.54 -14.43
CA GLN A 55 -1.90 -7.86 -15.55
C GLN A 55 -2.56 -8.25 -16.88
N ASN A 56 -2.71 -9.57 -17.05
CA ASN A 56 -3.28 -10.07 -18.30
C ASN A 56 -4.72 -9.60 -18.49
N LEU A 57 -5.52 -9.54 -17.45
CA LEU A 57 -6.89 -9.00 -17.59
C LEU A 57 -6.87 -7.54 -17.94
N LEU A 58 -6.04 -6.72 -17.30
CA LEU A 58 -5.96 -5.32 -17.70
C LEU A 58 -5.55 -5.15 -19.16
N ARG A 59 -4.58 -5.95 -19.59
CA ARG A 59 -4.07 -5.93 -20.97
C ARG A 59 -5.17 -6.26 -21.95
N GLU A 60 -5.92 -7.30 -21.66
CA GLU A 60 -7.03 -7.66 -22.55
C GLU A 60 -8.10 -6.61 -22.55
N LEU A 61 -8.48 -6.14 -21.37
CA LEU A 61 -9.65 -5.27 -21.27
C LEU A 61 -9.40 -3.92 -21.84
N LEU A 62 -8.20 -3.40 -21.70
CA LEU A 62 -7.88 -2.08 -22.24
C LEU A 62 -7.13 -2.15 -23.56
N GLN A 63 -6.86 -3.35 -24.04
CA GLN A 63 -6.10 -3.56 -25.29
C GLN A 63 -4.78 -2.83 -25.18
N ILE A 64 -4.04 -3.16 -24.11
CA ILE A 64 -2.72 -2.55 -23.89
C ILE A 64 -1.66 -3.13 -24.83
N PRO A 65 -0.96 -2.35 -25.63
CA PRO A 65 0.05 -2.94 -26.52
C PRO A 65 1.20 -3.60 -25.77
N ASN A 66 1.90 -4.50 -26.50
CA ASN A 66 2.98 -5.31 -25.94
C ASN A 66 4.23 -4.51 -25.59
N ASP A 67 4.35 -3.26 -26.08
CA ASP A 67 5.51 -2.42 -25.68
C ASP A 67 5.20 -1.58 -24.44
N TYR A 68 4.09 -1.84 -23.77
CA TYR A 68 3.75 -1.25 -22.47
C TYR A 68 3.78 -2.34 -21.39
N GLN A 69 4.16 -1.91 -20.20
CA GLN A 69 4.13 -2.80 -19.03
C GLN A 69 3.15 -2.25 -18.03
N ILE A 70 2.58 -3.12 -17.25
CA ILE A 70 1.64 -2.82 -16.20
C ILE A 70 2.35 -2.99 -14.85
N LEU A 71 2.44 -1.92 -14.11
CA LEU A 71 3.05 -1.90 -12.79
C LEU A 71 1.96 -1.81 -11.72
N PHE A 72 2.20 -2.46 -10.60
CA PHE A 72 1.36 -2.41 -9.40
C PHE A 72 2.24 -1.83 -8.31
N LEU A 73 1.99 -0.59 -7.95
CA LEU A 73 2.82 0.14 -6.99
C LEU A 73 2.02 0.53 -5.76
N GLN A 74 2.70 0.75 -4.65
CA GLN A 74 2.14 1.33 -3.44
C GLN A 74 2.27 2.86 -3.52
N GLY A 75 1.51 3.53 -2.69
CA GLY A 75 1.67 4.94 -2.49
C GLY A 75 0.57 5.85 -2.97
N GLY A 76 -0.36 5.27 -3.75
CA GLY A 76 -1.49 6.04 -4.28
C GLY A 76 -1.10 6.83 -5.49
N ALA A 77 -2.12 7.42 -6.13
CA ALA A 77 -1.82 8.37 -7.19
C ALA A 77 -0.98 9.51 -6.65
N SER A 78 -1.14 9.84 -5.37
CA SER A 78 -0.37 10.98 -4.87
C SER A 78 1.11 10.76 -4.92
N LEU A 79 1.59 9.50 -4.73
CA LEU A 79 3.01 9.26 -4.91
C LEU A 79 3.43 9.41 -6.34
N GLN A 80 2.56 9.07 -7.30
CA GLN A 80 2.87 9.25 -8.72
C GLN A 80 3.04 10.73 -9.03
N PHE A 81 2.39 11.64 -8.33
CA PHE A 81 2.57 13.06 -8.60
C PHE A 81 4.03 13.45 -8.47
N THR A 82 4.76 12.85 -7.55
CA THR A 82 6.21 13.11 -7.43
C THR A 82 7.07 12.12 -8.19
N MET A 83 6.69 10.85 -8.28
CA MET A 83 7.53 9.87 -8.95
C MET A 83 7.64 10.23 -10.43
N LEU A 84 6.59 10.74 -11.07
CA LEU A 84 6.64 11.06 -12.50
C LEU A 84 7.70 12.11 -12.75
N PRO A 85 7.66 13.30 -12.15
CA PRO A 85 8.72 14.28 -12.42
C PRO A 85 10.08 13.84 -11.92
N MET A 86 10.13 13.05 -10.86
CA MET A 86 11.44 12.56 -10.43
C MET A 86 12.14 11.76 -11.51
N ASN A 87 11.37 11.02 -12.31
CA ASN A 87 11.95 10.18 -13.35
C ASN A 87 12.07 10.87 -14.69
N LEU A 88 11.16 11.76 -15.07
CA LEU A 88 11.18 12.35 -16.39
C LEU A 88 11.50 13.84 -16.46
N LEU A 89 11.36 14.59 -15.38
CA LEU A 89 11.58 16.05 -15.43
C LEU A 89 13.04 16.33 -15.21
N THR A 90 13.78 16.25 -16.29
CA THR A 90 15.23 16.42 -16.24
C THR A 90 15.61 17.88 -16.46
N LYS A 91 16.89 18.15 -16.18
CA LYS A 91 17.39 19.47 -16.30
C LYS A 91 17.20 19.97 -17.73
N GLY A 92 16.71 21.19 -17.80
CA GLY A 92 16.44 21.81 -19.10
C GLY A 92 15.06 21.57 -19.62
N THR A 93 14.27 20.66 -19.05
CA THR A 93 12.93 20.37 -19.56
C THR A 93 11.87 20.89 -18.63
N ILE A 94 10.62 20.82 -19.10
CA ILE A 94 9.47 21.38 -18.44
C ILE A 94 8.39 20.36 -18.21
N GLY A 95 7.85 20.35 -16.99
CA GLY A 95 6.65 19.50 -16.73
C GLY A 95 5.44 20.39 -17.10
N ASN A 96 4.76 20.09 -18.17
CA ASN A 96 3.67 20.90 -18.67
C ASN A 96 2.33 20.26 -18.27
N TYR A 97 1.46 21.03 -17.61
CA TYR A 97 0.23 20.53 -17.00
C TYR A 97 -1.00 21.21 -17.58
N VAL A 98 -2.05 20.43 -17.79
CA VAL A 98 -3.35 20.98 -18.13
C VAL A 98 -4.17 20.96 -16.85
N LEU A 99 -4.61 22.10 -16.36
CA LEU A 99 -5.37 22.18 -15.12
C LEU A 99 -6.87 22.12 -15.35
N THR A 100 -7.49 21.03 -14.90
CA THR A 100 -8.90 20.88 -15.03
C THR A 100 -9.59 20.56 -13.70
N GLY A 101 -8.85 20.62 -12.61
CA GLY A 101 -9.43 20.51 -11.29
C GLY A 101 -8.37 20.53 -10.21
N SER A 102 -8.78 20.20 -8.98
CA SER A 102 -7.87 20.23 -7.80
C SER A 102 -6.81 19.17 -7.94
N TRP A 103 -7.22 17.96 -8.42
CA TRP A 103 -6.20 16.92 -8.57
C TRP A 103 -5.12 17.29 -9.56
N SER A 104 -5.47 18.05 -10.61
CA SER A 104 -4.47 18.58 -11.54
C SER A 104 -3.51 19.51 -10.80
N GLU A 105 -4.06 20.37 -9.97
CA GLU A 105 -3.23 21.31 -9.21
C GLU A 105 -2.26 20.57 -8.29
N LYS A 106 -2.72 19.49 -7.63
CA LYS A 106 -1.87 18.75 -6.72
C LYS A 106 -0.71 18.12 -7.50
N ALA A 107 -0.98 17.64 -8.71
CA ALA A 107 0.08 17.05 -9.51
C ALA A 107 1.11 18.11 -9.93
N LEU A 108 0.64 19.24 -10.35
CA LEU A 108 1.54 20.35 -10.71
C LEU A 108 2.42 20.75 -9.57
N LYS A 109 1.83 20.89 -8.36
CA LYS A 109 2.59 21.34 -7.17
C LYS A 109 3.80 20.44 -6.95
N GLU A 110 3.66 19.11 -7.08
CA GLU A 110 4.79 18.24 -6.86
C GLU A 110 5.88 18.41 -7.90
N ALA A 111 5.51 18.66 -9.15
CA ALA A 111 6.51 18.89 -10.17
C ALA A 111 7.29 20.18 -9.93
N LYS A 112 6.62 21.18 -9.38
CA LYS A 112 7.27 22.44 -9.09
C LYS A 112 8.40 22.29 -8.09
N LEU A 113 8.33 21.30 -7.25
CA LEU A 113 9.38 21.07 -6.30
C LEU A 113 10.59 20.46 -6.98
N LEU A 114 10.42 19.96 -8.18
CA LEU A 114 11.53 19.24 -8.77
C LEU A 114 12.11 19.84 -10.03
N GLY A 115 11.43 20.76 -10.64
CA GLY A 115 11.97 21.35 -11.87
C GLY A 115 11.00 22.39 -12.40
N GLU A 116 11.30 22.78 -13.64
CA GLU A 116 10.51 23.81 -14.30
C GLU A 116 9.16 23.22 -14.72
N THR A 117 8.10 23.99 -14.59
CA THR A 117 6.75 23.63 -14.88
C THR A 117 6.11 24.72 -15.74
N HIS A 118 4.97 24.36 -16.29
CA HIS A 118 4.20 25.25 -17.14
C HIS A 118 2.74 24.83 -17.10
N ILE A 119 1.85 25.77 -17.39
CA ILE A 119 0.41 25.51 -17.53
C ILE A 119 0.03 25.66 -19.00
N ALA A 120 -0.22 24.48 -19.60
CA ALA A 120 -0.56 24.44 -21.02
C ALA A 120 -1.94 25.06 -21.28
N ALA A 121 -2.83 24.82 -20.34
CA ALA A 121 -4.20 25.31 -20.43
C ALA A 121 -4.85 25.08 -19.07
N SER A 122 -5.91 25.84 -18.81
CA SER A 122 -6.53 25.82 -17.49
C SER A 122 -7.93 26.37 -17.54
N THR A 123 -8.85 25.74 -16.82
CA THR A 123 -10.17 26.34 -16.61
C THR A 123 -10.37 26.78 -15.17
N LYS A 124 -9.26 27.02 -14.46
CA LYS A 124 -9.32 27.46 -13.06
C LYS A 124 -10.14 28.72 -12.86
N ALA A 125 -10.00 29.70 -13.76
CA ALA A 125 -10.61 31.03 -13.58
C ALA A 125 -12.12 30.92 -13.58
N ASN A 126 -12.64 29.91 -14.27
CA ASN A 126 -14.07 29.65 -14.31
C ASN A 126 -14.48 28.50 -13.41
N SER A 127 -13.69 28.22 -12.37
CA SER A 127 -13.98 27.20 -11.36
C SER A 127 -14.11 25.82 -11.96
N TYR A 128 -13.31 25.56 -13.00
CA TYR A 128 -13.22 24.19 -13.50
C TYR A 128 -14.58 23.60 -13.91
N GLN A 129 -15.33 24.34 -14.72
CA GLN A 129 -16.61 23.85 -15.25
C GLN A 129 -16.47 23.07 -16.53
N SER A 130 -15.28 23.01 -17.16
CA SER A 130 -15.12 22.42 -18.45
C SER A 130 -13.69 22.01 -18.68
N ILE A 131 -13.55 21.20 -19.72
CA ILE A 131 -12.24 20.82 -20.26
C ILE A 131 -11.84 21.85 -21.31
N PRO A 132 -10.66 22.43 -21.27
CA PRO A 132 -10.31 23.36 -22.33
C PRO A 132 -10.19 22.69 -23.68
N ASP A 133 -10.45 23.48 -24.74
CA ASP A 133 -10.25 23.02 -26.08
C ASP A 133 -8.75 22.78 -26.32
N PHE A 134 -8.48 21.71 -27.07
CA PHE A 134 -7.12 21.30 -27.27
C PHE A 134 -6.35 22.37 -28.04
N SER A 135 -7.02 23.16 -28.84
CA SER A 135 -6.40 24.26 -29.58
C SER A 135 -5.85 25.32 -28.64
N GLU A 136 -6.27 25.31 -27.37
CA GLU A 136 -5.79 26.26 -26.40
C GLU A 136 -4.43 25.87 -25.81
N PHE A 137 -4.06 24.63 -26.08
CA PHE A 137 -2.87 24.16 -25.34
C PHE A 137 -1.57 24.81 -25.78
N GLN A 138 -0.85 25.34 -24.81
CA GLN A 138 0.42 25.99 -24.98
C GLN A 138 1.53 24.97 -24.67
N LEU A 139 2.19 24.55 -25.75
CA LEU A 139 3.19 23.49 -25.68
C LEU A 139 4.58 24.06 -25.83
N ASN A 140 5.57 23.42 -25.26
CA ASN A 140 6.94 23.87 -25.33
C ASN A 140 7.82 22.84 -26.00
N GLU A 141 8.79 23.25 -26.81
CA GLU A 141 9.67 22.24 -27.44
C GLU A 141 10.42 21.37 -26.44
N ASN A 142 10.72 21.94 -25.27
CA ASN A 142 11.45 21.21 -24.24
C ASN A 142 10.52 20.70 -23.18
N ASP A 143 9.27 20.44 -23.46
CA ASP A 143 8.42 19.71 -22.52
C ASP A 143 8.97 18.31 -22.27
N ALA A 144 9.08 17.91 -21.01
CA ALA A 144 9.40 16.56 -20.64
C ALA A 144 8.18 15.67 -20.85
N TYR A 145 7.00 16.22 -20.71
CA TYR A 145 5.72 15.52 -20.82
C TYR A 145 4.62 16.58 -20.81
N LEU A 146 3.39 16.14 -21.19
CA LEU A 146 2.19 16.92 -20.95
C LEU A 146 1.28 16.08 -20.07
N HIS A 147 0.91 16.64 -18.93
CA HIS A 147 0.11 15.86 -17.98
C HIS A 147 -1.31 16.34 -17.94
N ILE A 148 -2.25 15.39 -17.98
CA ILE A 148 -3.68 15.69 -17.87
C ILE A 148 -4.30 14.84 -16.77
N THR A 149 -5.50 15.25 -16.36
CA THR A 149 -6.31 14.54 -15.37
C THR A 149 -7.58 14.19 -16.15
N SER A 150 -7.77 12.91 -16.48
CA SER A 150 -8.86 12.55 -17.37
C SER A 150 -10.26 12.81 -16.79
N ASN A 151 -10.43 12.56 -15.51
CA ASN A 151 -11.67 12.75 -14.80
C ASN A 151 -11.35 13.53 -13.53
N ASN A 152 -11.95 14.72 -13.44
CA ASN A 152 -11.67 15.66 -12.37
C ASN A 152 -12.68 15.39 -11.26
N THR A 153 -12.26 14.49 -10.35
CA THR A 153 -13.15 13.84 -9.41
C THR A 153 -13.94 14.83 -8.57
N ILE A 154 -13.33 15.95 -8.15
CA ILE A 154 -13.94 16.96 -7.27
C ILE A 154 -14.90 17.83 -8.00
N TYR A 155 -14.65 18.13 -9.27
CA TYR A 155 -15.46 19.06 -10.04
C TYR A 155 -16.46 18.38 -10.94
N GLY A 156 -16.32 17.08 -11.20
CA GLY A 156 -17.31 16.37 -12.02
C GLY A 156 -17.24 16.66 -13.51
N THR A 157 -16.03 16.88 -14.01
CA THR A 157 -15.83 17.06 -15.43
C THR A 157 -14.86 15.99 -15.94
N GLN A 158 -14.92 15.73 -17.24
CA GLN A 158 -14.20 14.59 -17.84
C GLN A 158 -13.87 14.88 -19.30
N TYR A 159 -12.65 14.48 -19.67
CA TYR A 159 -12.25 14.47 -21.06
C TYR A 159 -13.13 13.54 -21.88
N GLN A 160 -13.62 14.03 -23.03
CA GLN A 160 -14.40 13.22 -23.96
C GLN A 160 -13.53 12.36 -24.87
N ASN A 161 -12.35 12.86 -25.10
CA ASN A 161 -11.33 12.24 -25.94
C ASN A 161 -10.02 12.92 -25.55
N PHE A 162 -8.94 12.46 -26.18
CA PHE A 162 -7.63 12.85 -25.71
C PHE A 162 -6.82 13.46 -26.82
N PRO A 163 -5.96 14.42 -26.47
CA PRO A 163 -5.21 15.09 -27.53
C PRO A 163 -4.15 14.19 -28.11
N GLU A 164 -3.86 14.46 -29.40
CA GLU A 164 -2.76 13.86 -30.11
C GLU A 164 -1.51 14.74 -29.92
N ILE A 165 -0.58 14.26 -29.14
CA ILE A 165 0.66 14.92 -28.68
C ILE A 165 1.81 14.17 -29.30
N ASN A 166 2.69 14.81 -30.02
CA ASN A 166 3.83 14.14 -30.65
C ASN A 166 5.18 14.65 -30.16
N HIS A 167 5.22 15.75 -29.42
CA HIS A 167 6.50 16.37 -29.09
C HIS A 167 7.07 15.88 -27.78
N ALA A 168 6.28 15.19 -26.98
CA ALA A 168 6.53 14.77 -25.64
C ALA A 168 5.45 13.76 -25.26
N PRO A 169 5.77 12.89 -24.30
CA PRO A 169 4.76 11.92 -23.88
C PRO A 169 3.57 12.57 -23.18
N LEU A 170 2.37 12.07 -23.49
CA LEU A 170 1.15 12.42 -22.81
C LEU A 170 1.00 11.49 -21.58
N ILE A 171 0.80 12.12 -20.45
CA ILE A 171 0.66 11.42 -19.17
C ILE A 171 -0.71 11.72 -18.58
N ALA A 172 -1.37 10.68 -18.05
CA ALA A 172 -2.67 10.93 -17.49
C ALA A 172 -2.91 10.28 -16.14
N ASP A 173 -3.41 11.10 -15.22
CA ASP A 173 -4.00 10.66 -13.97
C ASP A 173 -5.44 10.23 -14.28
N MET A 174 -5.66 8.93 -14.39
CA MET A 174 -6.95 8.36 -14.70
C MET A 174 -7.59 7.71 -13.48
N SER A 175 -7.19 8.12 -12.29
CA SER A 175 -7.67 7.50 -11.07
C SER A 175 -9.20 7.31 -11.05
N SER A 176 -9.99 8.30 -11.46
CA SER A 176 -11.42 8.18 -11.24
C SER A 176 -12.18 7.77 -12.49
N ASP A 177 -11.55 7.44 -13.60
CA ASP A 177 -12.28 6.91 -14.72
C ASP A 177 -11.56 5.79 -15.47
N ILE A 178 -10.46 5.25 -14.97
CA ILE A 178 -9.79 4.16 -15.69
C ILE A 178 -10.71 2.95 -15.84
N LEU A 179 -10.75 2.38 -17.03
CA LEU A 179 -11.52 1.20 -17.35
C LEU A 179 -13.02 1.40 -17.09
N SER A 180 -13.49 2.63 -17.34
CA SER A 180 -14.88 2.91 -17.40
C SER A 180 -15.41 2.96 -18.84
N ARG A 181 -14.54 2.79 -19.81
CA ARG A 181 -14.79 2.91 -21.22
C ARG A 181 -13.56 2.47 -21.99
N PRO A 182 -13.71 2.19 -23.27
CA PRO A 182 -12.51 1.87 -24.08
C PRO A 182 -11.52 3.02 -24.09
N LEU A 183 -10.25 2.69 -24.25
CA LEU A 183 -9.15 3.64 -24.26
C LEU A 183 -8.12 3.26 -25.30
N LYS A 184 -7.62 4.22 -26.05
CA LYS A 184 -6.49 4.05 -26.96
C LYS A 184 -5.19 4.31 -26.22
N VAL A 185 -4.66 3.23 -25.60
CA VAL A 185 -3.52 3.39 -24.71
C VAL A 185 -2.33 3.97 -25.45
N ASN A 186 -2.20 3.70 -26.72
CA ASN A 186 -1.02 4.19 -27.43
C ASN A 186 -0.98 5.71 -27.64
N GLN A 187 -1.99 6.45 -27.24
CA GLN A 187 -1.92 7.91 -27.18
C GLN A 187 -1.02 8.39 -26.04
N PHE A 188 -0.69 7.49 -25.09
CA PHE A 188 -0.08 7.89 -23.85
C PHE A 188 1.29 7.26 -23.68
N GLY A 189 2.16 7.99 -23.01
CA GLY A 189 3.43 7.45 -22.50
C GLY A 189 3.22 6.79 -21.16
N MET A 190 2.31 7.30 -20.34
CA MET A 190 2.03 6.68 -19.04
C MET A 190 0.61 7.04 -18.61
N ILE A 191 -0.04 6.11 -17.97
CA ILE A 191 -1.35 6.27 -17.35
C ILE A 191 -1.23 5.75 -15.93
N TYR A 192 -1.76 6.46 -14.95
CA TYR A 192 -1.75 5.96 -13.58
C TYR A 192 -3.12 6.15 -12.93
N ALA A 193 -3.39 5.30 -11.95
CA ALA A 193 -4.68 5.34 -11.27
C ALA A 193 -4.55 4.64 -9.92
N GLY A 194 -4.89 5.31 -8.84
CA GLY A 194 -5.17 4.56 -7.61
C GLY A 194 -6.29 3.61 -7.88
N ALA A 195 -6.25 2.39 -7.38
CA ALA A 195 -7.29 1.42 -7.71
C ALA A 195 -8.62 1.71 -7.09
N GLN A 196 -8.68 2.49 -6.03
CA GLN A 196 -9.83 2.51 -5.13
C GLN A 196 -11.03 3.28 -5.67
N LYS A 197 -11.02 3.80 -6.90
CA LYS A 197 -12.27 4.38 -7.39
C LYS A 197 -13.00 3.41 -8.31
N ASN A 198 -12.32 2.88 -9.30
CA ASN A 198 -12.98 2.09 -10.31
C ASN A 198 -12.40 0.70 -10.45
N LEU A 199 -11.37 0.33 -9.67
CA LEU A 199 -10.79 -0.98 -9.85
C LEU A 199 -10.70 -1.86 -8.63
N GLY A 200 -11.11 -1.35 -7.48
CA GLY A 200 -11.35 -2.16 -6.31
C GLY A 200 -10.69 -1.48 -5.14
N PRO A 201 -9.66 -2.10 -4.64
CA PRO A 201 -9.02 -1.94 -3.37
C PRO A 201 -8.27 -0.66 -3.21
N SER A 202 -8.22 0.00 -2.06
CA SER A 202 -7.11 0.92 -1.85
C SER A 202 -5.85 0.13 -1.54
N GLY A 203 -4.72 0.74 -1.76
CA GLY A 203 -3.46 0.16 -1.39
C GLY A 203 -2.63 -0.26 -2.58
N VAL A 204 -3.18 -0.20 -3.78
CA VAL A 204 -2.40 -0.42 -5.00
C VAL A 204 -2.77 0.67 -6.00
N THR A 205 -1.76 1.04 -6.78
CA THR A 205 -1.84 2.02 -7.85
C THR A 205 -1.42 1.33 -9.12
N VAL A 206 -2.23 1.39 -10.13
CA VAL A 206 -1.92 0.81 -11.44
C VAL A 206 -1.24 1.85 -12.30
N VAL A 207 -0.08 1.50 -12.80
CA VAL A 207 0.73 2.35 -13.68
C VAL A 207 1.00 1.59 -14.96
N ILE A 208 0.48 2.13 -16.08
CA ILE A 208 0.67 1.55 -17.40
C ILE A 208 1.70 2.43 -18.11
N VAL A 209 2.85 1.86 -18.43
CA VAL A 209 4.01 2.60 -18.90
C VAL A 209 4.53 2.09 -20.22
N LYS A 210 4.84 3.01 -21.11
CA LYS A 210 5.54 2.63 -22.35
C LYS A 210 6.95 2.27 -21.89
N LYS A 211 7.36 1.03 -22.08
CA LYS A 211 8.57 0.55 -21.43
C LYS A 211 9.80 1.34 -21.77
N ASP A 212 10.00 1.69 -23.02
CA ASP A 212 11.25 2.32 -23.39
C ASP A 212 11.32 3.77 -22.95
N LEU A 213 10.25 4.38 -22.45
CA LEU A 213 10.29 5.76 -21.94
C LEU A 213 10.87 5.73 -20.53
N LEU A 214 10.71 4.62 -19.78
CA LEU A 214 10.95 4.66 -18.34
C LEU A 214 11.74 3.51 -17.80
N ASN A 215 12.33 2.63 -18.59
CA ASN A 215 13.02 1.43 -18.11
C ASN A 215 14.52 1.68 -17.93
N THR A 216 14.99 2.92 -17.94
CA THR A 216 16.40 3.27 -17.78
C THR A 216 16.69 3.87 -16.41
N LYS A 217 17.82 3.47 -15.83
CA LYS A 217 18.23 4.09 -14.57
C LYS A 217 18.29 5.62 -14.71
N VAL A 218 17.80 6.29 -13.71
CA VAL A 218 17.80 7.70 -13.44
C VAL A 218 18.73 7.99 -12.25
N GLU A 219 19.85 8.64 -12.56
CA GLU A 219 20.90 9.15 -11.76
C GLU A 219 20.21 9.86 -10.59
N GLN A 220 20.59 9.38 -9.42
CA GLN A 220 20.32 10.12 -8.21
C GLN A 220 19.00 9.73 -7.61
N VAL A 221 18.18 8.93 -8.28
CA VAL A 221 16.83 8.70 -7.74
C VAL A 221 16.83 7.46 -6.86
N PRO A 222 16.29 7.54 -5.66
CA PRO A 222 16.24 6.33 -4.83
C PRO A 222 15.63 5.13 -5.53
N THR A 223 16.14 3.96 -5.16
CA THR A 223 15.75 2.70 -5.81
C THR A 223 14.24 2.54 -5.93
N MET A 224 13.53 2.70 -4.82
CA MET A 224 12.08 2.51 -4.81
C MET A 224 11.34 3.53 -5.65
N LEU A 225 11.95 4.64 -5.98
CA LEU A 225 11.29 5.70 -6.70
C LEU A 225 11.63 5.74 -8.17
N GLN A 226 12.40 4.80 -8.65
CA GLN A 226 12.68 4.61 -10.06
C GLN A 226 11.66 3.72 -10.73
N TYR A 227 11.03 4.17 -11.84
CA TYR A 227 10.17 3.18 -12.53
C TYR A 227 10.97 1.98 -13.00
N ALA A 228 12.23 2.19 -13.38
CA ALA A 228 13.05 1.09 -13.88
C ALA A 228 13.13 -0.06 -12.89
N THR A 229 13.18 0.23 -11.60
CA THR A 229 13.26 -0.80 -10.56
C THR A 229 12.04 -1.71 -10.68
N HIS A 230 10.88 -1.10 -10.79
CA HIS A 230 9.65 -1.86 -10.80
C HIS A 230 9.42 -2.56 -12.14
N ILE A 231 9.84 -1.93 -13.24
CA ILE A 231 9.73 -2.56 -14.54
C ILE A 231 10.59 -3.80 -14.53
N LYS A 232 11.87 -3.70 -14.14
CA LYS A 232 12.80 -4.82 -14.19
C LYS A 232 12.33 -5.98 -13.31
N SER A 233 11.73 -5.65 -12.16
CA SER A 233 11.34 -6.67 -11.20
C SER A 233 9.88 -7.10 -11.32
N ASP A 234 9.17 -6.63 -12.33
CA ASP A 234 7.75 -6.94 -12.52
C ASP A 234 6.91 -6.66 -11.29
N SER A 235 7.18 -5.53 -10.68
CA SER A 235 6.46 -5.05 -9.52
C SER A 235 6.58 -5.98 -8.32
N LEU A 236 7.69 -6.69 -8.23
CA LEU A 236 8.04 -7.56 -7.11
C LEU A 236 9.39 -7.22 -6.54
N TYR A 237 9.81 -5.94 -6.68
CA TYR A 237 11.08 -5.55 -6.08
C TYR A 237 11.07 -5.74 -4.59
N ASN A 238 10.03 -5.24 -3.96
CA ASN A 238 9.79 -5.47 -2.54
C ASN A 238 8.43 -6.14 -2.41
N THR A 239 7.91 -6.26 -1.19
CA THR A 239 6.71 -7.05 -0.98
C THR A 239 5.53 -6.27 -1.52
N PRO A 240 4.77 -6.80 -2.46
CA PRO A 240 3.62 -6.06 -3.01
C PRO A 240 2.43 -6.13 -2.09
N PRO A 241 1.44 -5.31 -2.35
CA PRO A 241 0.17 -5.32 -1.58
C PRO A 241 -0.69 -6.46 -2.14
N THR A 242 -0.41 -7.67 -1.63
CA THR A 242 -0.92 -8.85 -2.28
C THR A 242 -2.43 -8.95 -2.25
N PHE A 243 -3.04 -8.62 -1.10
CA PHE A 243 -4.50 -8.70 -1.06
C PHE A 243 -5.13 -7.64 -1.98
N SER A 244 -4.56 -6.45 -2.03
CA SER A 244 -5.16 -5.45 -2.93
C SER A 244 -5.05 -5.90 -4.38
N ILE A 245 -3.90 -6.50 -4.76
CA ILE A 245 -3.77 -6.96 -6.16
C ILE A 245 -4.71 -8.12 -6.44
N TYR A 246 -4.90 -9.03 -5.50
CA TYR A 246 -5.90 -10.07 -5.58
C TYR A 246 -7.28 -9.48 -5.79
N MET A 247 -7.67 -8.49 -4.98
CA MET A 247 -9.00 -7.90 -5.15
C MET A 247 -9.13 -7.23 -6.50
N LEU A 248 -8.10 -6.54 -6.95
CA LEU A 248 -8.05 -5.95 -8.30
C LEU A 248 -8.31 -7.04 -9.34
N ARG A 249 -7.61 -8.17 -9.22
CA ARG A 249 -7.86 -9.29 -10.14
C ARG A 249 -9.35 -9.63 -10.13
N ASN A 250 -9.93 -9.81 -8.96
CA ASN A 250 -11.35 -10.21 -8.88
C ASN A 250 -12.24 -9.19 -9.54
N VAL A 251 -12.00 -7.88 -9.36
CA VAL A 251 -12.80 -6.83 -9.98
C VAL A 251 -12.61 -6.90 -11.48
N LEU A 252 -11.39 -7.06 -11.96
CA LEU A 252 -11.19 -7.18 -13.41
C LEU A 252 -11.90 -8.37 -13.99
N ASP A 253 -11.92 -9.49 -13.30
CA ASP A 253 -12.70 -10.67 -13.77
C ASP A 253 -14.15 -10.30 -13.94
N TRP A 254 -14.69 -9.52 -13.01
CA TRP A 254 -16.08 -9.07 -13.12
C TRP A 254 -16.33 -8.16 -14.31
N ILE A 255 -15.41 -7.21 -14.54
CA ILE A 255 -15.55 -6.35 -15.70
C ILE A 255 -15.57 -7.19 -16.96
N LYS A 256 -14.66 -8.14 -17.05
CA LYS A 256 -14.63 -9.02 -18.25
C LYS A 256 -15.93 -9.76 -18.38
N ASP A 257 -16.41 -10.32 -17.27
CA ASP A 257 -17.62 -11.14 -17.33
C ASP A 257 -18.80 -10.36 -17.87
N LEU A 258 -18.89 -9.07 -17.56
CA LEU A 258 -20.02 -8.22 -17.94
C LEU A 258 -19.90 -7.70 -19.37
N GLY A 259 -18.77 -8.00 -20.06
CA GLY A 259 -18.60 -7.61 -21.45
C GLY A 259 -17.51 -6.60 -21.67
N GLY A 260 -16.64 -6.35 -20.70
CA GLY A 260 -15.50 -5.50 -20.91
C GLY A 260 -15.83 -4.03 -20.95
N ALA A 261 -14.86 -3.28 -21.49
CA ALA A 261 -14.92 -1.85 -21.50
C ALA A 261 -16.09 -1.29 -22.26
N GLU A 262 -16.43 -1.92 -23.40
CA GLU A 262 -17.54 -1.41 -24.19
C GLU A 262 -18.85 -1.57 -23.41
N ALA A 263 -19.02 -2.72 -22.76
CA ALA A 263 -20.27 -2.98 -22.06
C ALA A 263 -20.39 -2.08 -20.83
N ILE A 264 -19.27 -1.89 -20.15
CA ILE A 264 -19.33 -1.04 -18.94
C ILE A 264 -19.59 0.40 -19.32
N ALA A 265 -19.06 0.87 -20.45
CA ALA A 265 -19.38 2.20 -20.91
C ALA A 265 -20.88 2.38 -21.16
N LYS A 266 -21.53 1.39 -21.77
CA LYS A 266 -22.96 1.47 -21.98
C LYS A 266 -23.72 1.58 -20.66
N GLN A 267 -23.33 0.77 -19.67
CA GLN A 267 -23.96 0.81 -18.36
C GLN A 267 -23.73 2.16 -17.69
N ASN A 268 -22.48 2.67 -17.77
CA ASN A 268 -22.14 3.91 -17.12
C ASN A 268 -22.87 5.11 -17.73
N GLU A 269 -23.00 5.10 -19.06
CA GLU A 269 -23.76 6.15 -19.73
C GLU A 269 -25.22 6.11 -19.28
N GLU A 270 -25.81 4.92 -19.17
CA GLU A 270 -27.22 4.83 -18.76
C GLU A 270 -27.42 5.36 -17.34
N LYS A 271 -26.53 4.98 -16.42
CA LYS A 271 -26.85 5.39 -15.05
C LYS A 271 -26.49 6.85 -14.88
N ALA A 272 -25.50 7.39 -15.58
CA ALA A 272 -25.29 8.85 -15.54
C ALA A 272 -26.50 9.60 -16.06
N LYS A 273 -27.06 9.12 -17.15
CA LYS A 273 -28.20 9.82 -17.78
C LYS A 273 -29.37 9.87 -16.81
N ILE A 274 -29.57 8.83 -15.99
CA ILE A 274 -30.67 8.91 -14.98
C ILE A 274 -30.48 10.11 -14.10
N ILE A 275 -29.28 10.36 -13.64
CA ILE A 275 -29.06 11.48 -12.71
C ILE A 275 -29.02 12.80 -13.45
N TYR A 276 -28.34 12.92 -14.58
CA TYR A 276 -28.35 14.21 -15.29
C TYR A 276 -29.73 14.57 -15.80
N ASP A 277 -30.52 13.58 -16.23
CA ASP A 277 -31.89 13.94 -16.62
C ASP A 277 -32.68 14.49 -15.45
N THR A 278 -32.47 13.94 -14.25
CA THR A 278 -33.16 14.43 -13.07
C THR A 278 -32.78 15.88 -12.79
N ILE A 279 -31.51 16.19 -12.91
CA ILE A 279 -31.07 17.57 -12.76
C ILE A 279 -31.69 18.45 -13.81
N ASP A 280 -31.64 18.02 -15.08
CA ASP A 280 -32.08 18.86 -16.17
C ASP A 280 -33.58 19.04 -16.20
N GLU A 281 -34.35 18.16 -15.63
CA GLU A 281 -35.80 18.26 -15.56
C GLU A 281 -36.25 18.96 -14.30
N SER A 282 -35.35 19.41 -13.45
CA SER A 282 -35.67 20.01 -12.15
C SER A 282 -35.96 21.50 -12.19
N ASN A 283 -35.98 22.11 -13.35
CA ASN A 283 -36.21 23.56 -13.52
C ASN A 283 -35.35 24.40 -12.58
N GLY A 284 -34.06 23.99 -12.48
CA GLY A 284 -33.14 24.75 -11.70
C GLY A 284 -33.11 24.48 -10.23
N PHE A 285 -33.93 23.57 -9.75
CA PHE A 285 -33.88 23.23 -8.33
C PHE A 285 -32.55 22.56 -8.01
N TYR A 286 -32.04 21.76 -8.93
CA TYR A 286 -30.70 21.20 -8.86
C TYR A 286 -29.89 21.82 -10.00
N VAL A 287 -28.67 22.26 -9.75
CA VAL A 287 -27.82 22.85 -10.78
C VAL A 287 -26.51 22.09 -10.81
N GLY A 288 -26.20 21.50 -11.95
CA GLY A 288 -24.93 20.80 -12.12
C GLY A 288 -23.79 21.82 -12.23
N HIS A 289 -22.66 21.44 -11.67
CA HIS A 289 -21.46 22.31 -11.76
C HIS A 289 -20.89 22.31 -13.15
N ALA A 290 -20.81 21.14 -13.80
CA ALA A 290 -20.12 21.02 -15.07
C ALA A 290 -20.93 21.59 -16.22
N GLU A 291 -20.25 22.19 -17.18
CA GLU A 291 -20.86 22.43 -18.47
C GLU A 291 -21.29 21.12 -19.11
N LYS A 292 -22.36 21.13 -19.87
CA LYS A 292 -22.91 19.87 -20.40
C LYS A 292 -21.88 19.09 -21.21
N GLY A 293 -21.12 19.77 -22.03
CA GLY A 293 -20.17 19.10 -22.89
C GLY A 293 -19.00 18.43 -22.16
N SER A 294 -18.85 18.71 -20.90
CA SER A 294 -17.72 18.19 -20.09
C SER A 294 -18.21 17.35 -18.93
N ARG A 295 -19.51 17.03 -18.88
CA ARG A 295 -20.06 16.27 -17.72
C ARG A 295 -19.41 14.93 -17.56
N SER A 296 -18.94 14.65 -16.36
CA SER A 296 -18.36 13.35 -16.02
C SER A 296 -19.43 12.27 -15.97
N LEU A 297 -19.05 11.07 -16.41
CA LEU A 297 -19.84 9.85 -16.21
C LEU A 297 -19.56 9.19 -14.90
N MET A 298 -18.58 9.67 -14.15
CA MET A 298 -18.13 9.05 -12.93
C MET A 298 -18.46 9.81 -11.66
N ASN A 299 -18.45 11.15 -11.71
CA ASN A 299 -18.77 11.95 -10.53
C ASN A 299 -19.72 13.05 -10.94
N VAL A 300 -20.92 13.03 -10.42
CA VAL A 300 -21.93 14.01 -10.82
C VAL A 300 -22.04 15.06 -9.72
N THR A 301 -21.62 16.27 -10.04
CA THR A 301 -21.54 17.34 -9.03
C THR A 301 -22.69 18.33 -9.20
N PHE A 302 -23.33 18.74 -8.12
CA PHE A 302 -24.46 19.63 -8.21
C PHE A 302 -24.72 20.33 -6.87
N ASN A 303 -25.50 21.43 -6.99
CA ASN A 303 -25.96 22.20 -5.86
C ASN A 303 -27.44 22.44 -5.94
N LEU A 304 -28.09 22.68 -4.81
CA LEU A 304 -29.44 23.20 -4.76
C LEU A 304 -29.33 24.73 -4.77
N ARG A 305 -30.44 25.45 -4.59
CA ARG A 305 -30.40 26.89 -4.79
C ARG A 305 -29.71 27.66 -3.69
N ASN A 306 -29.57 27.11 -2.52
CA ASN A 306 -28.85 27.77 -1.44
C ASN A 306 -28.30 26.72 -0.49
N GLU A 307 -27.53 27.19 0.47
CA GLU A 307 -26.83 26.21 1.29
C GLU A 307 -27.77 25.53 2.30
N GLU A 308 -28.81 26.23 2.75
CA GLU A 308 -29.78 25.58 3.63
C GLU A 308 -30.41 24.36 2.95
N LEU A 309 -30.84 24.54 1.71
CA LEU A 309 -31.41 23.43 0.95
C LEU A 309 -30.39 22.35 0.69
N ASN A 310 -29.15 22.74 0.39
CA ASN A 310 -28.12 21.70 0.24
C ASN A 310 -28.04 20.86 1.51
N GLN A 311 -27.97 21.50 2.66
CA GLN A 311 -27.89 20.80 3.96
C GLN A 311 -29.10 19.93 4.20
N GLN A 312 -30.29 20.47 3.90
CA GLN A 312 -31.49 19.68 4.12
C GLN A 312 -31.54 18.48 3.22
N PHE A 313 -31.17 18.66 1.95
CA PHE A 313 -31.16 17.52 1.00
C PHE A 313 -30.20 16.44 1.48
N LEU A 314 -28.97 16.84 1.82
CA LEU A 314 -27.94 15.87 2.23
C LEU A 314 -28.37 15.18 3.53
N ALA A 315 -29.03 15.89 4.45
CA ALA A 315 -29.50 15.27 5.66
C ALA A 315 -30.59 14.26 5.38
N LYS A 316 -31.50 14.58 4.47
CA LYS A 316 -32.54 13.66 4.07
C LYS A 316 -31.93 12.45 3.37
N ALA A 317 -30.95 12.65 2.51
CA ALA A 317 -30.29 11.54 1.83
C ALA A 317 -29.67 10.58 2.82
N LYS A 318 -29.01 11.13 3.83
CA LYS A 318 -28.37 10.27 4.81
C LYS A 318 -29.42 9.49 5.58
N GLU A 319 -30.52 10.12 5.97
CA GLU A 319 -31.61 9.47 6.67
C GLU A 319 -32.14 8.30 5.84
N GLN A 320 -32.19 8.42 4.53
CA GLN A 320 -32.76 7.48 3.61
C GLN A 320 -31.75 6.43 3.16
N GLY A 321 -30.55 6.41 3.72
CA GLY A 321 -29.61 5.34 3.43
C GLY A 321 -28.56 5.65 2.39
N PHE A 322 -28.53 6.85 1.86
CA PHE A 322 -27.49 7.22 0.90
C PHE A 322 -26.20 7.60 1.62
N VAL A 323 -25.09 7.08 1.13
CA VAL A 323 -23.76 7.23 1.66
C VAL A 323 -22.89 7.94 0.65
N GLY A 324 -22.20 8.98 1.09
CA GLY A 324 -21.17 9.59 0.29
C GLY A 324 -21.54 10.77 -0.56
N LEU A 325 -22.75 11.28 -0.47
CA LEU A 325 -23.18 12.32 -1.37
C LEU A 325 -22.67 13.70 -1.03
N ASN A 326 -22.09 13.92 0.15
CA ASN A 326 -21.59 15.25 0.45
C ASN A 326 -20.49 15.62 -0.52
N GLY A 327 -20.50 16.83 -1.08
CA GLY A 327 -19.41 17.18 -1.96
C GLY A 327 -18.07 17.19 -1.26
N HIS A 328 -17.00 17.20 -2.06
CA HIS A 328 -15.68 17.33 -1.43
C HIS A 328 -15.65 18.59 -0.58
N ARG A 329 -14.95 18.47 0.55
CA ARG A 329 -14.85 19.55 1.48
C ARG A 329 -14.44 20.86 0.87
N SER A 330 -13.59 20.79 -0.11
CA SER A 330 -13.02 22.00 -0.72
C SER A 330 -14.06 22.76 -1.53
N VAL A 331 -15.16 22.14 -1.95
CA VAL A 331 -16.13 22.78 -2.83
C VAL A 331 -17.58 22.71 -2.37
N GLY A 332 -17.93 21.85 -1.41
CA GLY A 332 -19.33 21.86 -1.01
C GLY A 332 -20.25 21.26 -2.03
N GLY A 333 -21.54 21.58 -1.86
CA GLY A 333 -22.55 20.98 -2.72
C GLY A 333 -22.64 19.49 -2.49
N CYS A 334 -22.98 18.80 -3.59
CA CYS A 334 -23.29 17.40 -3.61
C CYS A 334 -22.44 16.72 -4.69
N ARG A 335 -22.13 15.45 -4.50
CA ARG A 335 -21.36 14.68 -5.48
C ARG A 335 -21.87 13.23 -5.42
N ALA A 336 -22.49 12.79 -6.52
CA ALA A 336 -22.89 11.41 -6.66
C ALA A 336 -21.81 10.69 -7.46
N SER A 337 -21.05 9.86 -6.78
CA SER A 337 -19.99 9.08 -7.45
C SER A 337 -20.62 7.78 -7.97
N ILE A 338 -20.53 7.55 -9.24
CA ILE A 338 -21.23 6.49 -9.97
C ILE A 338 -20.24 5.68 -10.82
N TYR A 339 -19.16 5.25 -10.14
CA TYR A 339 -18.14 4.42 -10.73
C TYR A 339 -18.74 3.10 -11.24
N ASN A 340 -17.95 2.28 -11.94
CA ASN A 340 -18.42 1.07 -12.58
C ASN A 340 -19.37 0.20 -11.76
N ALA A 341 -18.97 -0.01 -10.50
CA ALA A 341 -19.72 -0.95 -9.67
C ALA A 341 -20.92 -0.39 -8.97
N VAL A 342 -21.17 0.90 -9.04
CA VAL A 342 -22.41 1.43 -8.44
C VAL A 342 -23.59 0.90 -9.22
N PRO A 343 -24.55 0.21 -8.57
CA PRO A 343 -25.64 -0.38 -9.33
C PRO A 343 -26.63 0.65 -9.85
N ILE A 344 -27.25 0.29 -10.97
CA ILE A 344 -28.23 1.21 -11.54
C ILE A 344 -29.37 1.47 -10.59
N ASP A 345 -29.78 0.52 -9.76
CA ASP A 345 -30.93 0.82 -8.88
C ASP A 345 -30.53 1.83 -7.81
N ALA A 346 -29.24 2.03 -7.52
CA ALA A 346 -28.92 3.12 -6.61
C ALA A 346 -29.17 4.48 -7.28
N CYS A 347 -28.91 4.54 -8.58
CA CYS A 347 -29.15 5.75 -9.33
C CYS A 347 -30.65 6.03 -9.46
N ILE A 348 -31.42 4.99 -9.68
CA ILE A 348 -32.90 5.12 -9.69
C ILE A 348 -33.38 5.64 -8.35
N ALA A 349 -32.84 5.09 -7.24
CA ALA A 349 -33.22 5.52 -5.91
C ALA A 349 -32.86 6.98 -5.69
N LEU A 350 -31.67 7.41 -6.13
CA LEU A 350 -31.26 8.79 -6.00
C LEU A 350 -32.21 9.69 -6.79
N ARG A 351 -32.58 9.33 -8.00
CA ARG A 351 -33.57 10.09 -8.76
C ARG A 351 -34.84 10.23 -7.96
N GLU A 352 -35.34 9.15 -7.38
CA GLU A 352 -36.60 9.22 -6.63
C GLU A 352 -36.46 10.12 -5.42
N LEU A 353 -35.35 10.07 -4.69
CA LEU A 353 -35.08 10.97 -3.58
C LEU A 353 -35.12 12.42 -4.05
N MET A 354 -34.41 12.66 -5.17
CA MET A 354 -34.28 14.03 -5.71
C MET A 354 -35.64 14.57 -6.12
N ILE A 355 -36.45 13.78 -6.78
CA ILE A 355 -37.78 14.25 -7.22
C ILE A 355 -38.66 14.52 -6.00
N GLN A 356 -38.65 13.63 -5.04
CA GLN A 356 -39.52 13.81 -3.87
C GLN A 356 -39.08 15.00 -3.07
N PHE A 357 -37.78 15.21 -2.89
CA PHE A 357 -37.32 16.36 -2.12
C PHE A 357 -37.74 17.66 -2.81
N LYS A 358 -37.61 17.77 -4.12
CA LYS A 358 -38.03 18.92 -4.87
C LYS A 358 -39.52 19.16 -4.67
N GLU A 359 -40.31 18.12 -4.84
CA GLU A 359 -41.75 18.26 -4.79
C GLU A 359 -42.22 18.70 -3.43
N ASN A 360 -41.49 18.29 -2.41
CA ASN A 360 -41.94 18.55 -1.06
C ASN A 360 -41.35 19.82 -0.47
N ALA A 361 -40.42 20.47 -1.16
CA ALA A 361 -39.77 21.67 -0.71
C ALA A 361 -40.70 22.88 -0.72
N GLN B 4 -2.96 -31.35 6.22
CA GLN B 4 -2.13 -30.59 7.16
C GLN B 4 -1.22 -29.61 6.42
N VAL B 5 -1.24 -28.35 6.77
CA VAL B 5 -0.41 -27.26 6.28
C VAL B 5 0.15 -26.49 7.47
N PHE B 6 1.45 -26.26 7.40
CA PHE B 6 2.18 -25.53 8.43
C PHE B 6 2.88 -24.35 7.79
N ASN B 7 2.43 -23.14 8.14
CA ASN B 7 2.86 -21.93 7.43
C ASN B 7 4.01 -21.21 8.11
N PHE B 8 5.21 -21.52 7.62
CA PHE B 8 6.46 -20.91 8.01
C PHE B 8 6.94 -19.86 7.03
N ASN B 9 6.02 -19.24 6.29
CA ASN B 9 6.44 -18.19 5.37
C ASN B 9 7.09 -17.03 6.11
N ALA B 10 8.04 -16.41 5.41
CA ALA B 10 8.94 -15.38 5.96
C ALA B 10 8.46 -13.97 5.75
N GLY B 11 7.37 -13.78 4.98
CA GLY B 11 6.90 -12.44 4.67
C GLY B 11 6.33 -12.37 3.28
N PRO B 12 5.06 -12.13 3.02
CA PRO B 12 3.95 -12.24 3.97
C PRO B 12 3.90 -13.59 4.71
N SER B 13 3.07 -13.65 5.74
CA SER B 13 3.15 -14.69 6.71
C SER B 13 1.81 -15.07 7.28
N ALA B 14 1.86 -16.09 8.15
CA ALA B 14 0.66 -16.55 8.85
C ALA B 14 0.03 -15.39 9.62
N LEU B 15 -1.29 -15.37 9.64
CA LEU B 15 -2.06 -14.43 10.44
C LEU B 15 -2.86 -15.25 11.48
N PRO B 16 -3.30 -14.58 12.54
CA PRO B 16 -4.12 -15.32 13.55
C PRO B 16 -5.45 -15.75 12.93
N LYS B 17 -5.80 -17.00 13.19
CA LYS B 17 -7.10 -17.49 12.70
C LYS B 17 -8.26 -16.61 13.16
N PRO B 18 -8.31 -16.19 14.41
CA PRO B 18 -9.47 -15.36 14.79
C PRO B 18 -9.54 -14.08 14.02
N ALA B 19 -8.40 -13.47 13.67
CA ALA B 19 -8.47 -12.22 12.91
C ALA B 19 -8.98 -12.45 11.51
N LEU B 20 -8.62 -13.52 10.87
CA LEU B 20 -9.08 -13.83 9.54
C LEU B 20 -10.54 -14.27 9.55
N GLU B 21 -10.93 -15.07 10.51
CA GLU B 21 -12.33 -15.48 10.64
C GLU B 21 -13.22 -14.26 10.86
N ARG B 22 -12.79 -13.34 11.69
CA ARG B 22 -13.55 -12.13 11.93
C ARG B 22 -13.68 -11.34 10.61
N ALA B 23 -12.60 -11.18 9.87
CA ALA B 23 -12.62 -10.46 8.63
C ALA B 23 -13.55 -11.15 7.63
N GLN B 24 -13.51 -12.48 7.60
CA GLN B 24 -14.40 -13.21 6.69
C GLN B 24 -15.85 -12.95 7.04
N LYS B 25 -16.19 -13.06 8.30
CA LYS B 25 -17.60 -12.98 8.70
C LYS B 25 -18.22 -11.66 8.27
N GLU B 26 -17.46 -10.55 8.43
CA GLU B 26 -17.99 -9.23 8.18
C GLU B 26 -17.52 -8.60 6.88
N LEU B 27 -16.98 -9.41 5.97
CA LEU B 27 -16.39 -8.85 4.76
C LEU B 27 -17.41 -8.10 3.93
N LEU B 28 -18.70 -8.47 3.95
CA LEU B 28 -19.70 -7.82 3.11
C LEU B 28 -20.49 -6.75 3.86
N ASN B 29 -20.49 -6.87 5.20
CA ASN B 29 -21.28 -5.97 6.05
C ASN B 29 -20.50 -5.64 7.32
N PHE B 30 -19.71 -4.59 7.24
CA PHE B 30 -18.89 -4.12 8.39
C PHE B 30 -19.69 -3.19 9.26
N ASN B 31 -19.78 -3.51 10.56
CA ASN B 31 -20.38 -2.64 11.55
C ASN B 31 -21.76 -2.14 11.18
N ASP B 32 -22.57 -3.04 10.64
CA ASP B 32 -23.94 -2.86 10.23
C ASP B 32 -24.11 -1.77 9.20
N THR B 33 -23.06 -1.42 8.44
CA THR B 33 -23.17 -0.41 7.40
C THR B 33 -23.69 -0.98 6.10
N GLN B 34 -23.73 -2.28 5.94
CA GLN B 34 -24.09 -2.98 4.70
C GLN B 34 -23.06 -2.77 3.60
N MET B 35 -21.86 -2.31 4.00
CA MET B 35 -20.73 -2.18 3.11
C MET B 35 -19.55 -2.94 3.68
N SER B 36 -18.66 -3.42 2.84
CA SER B 36 -17.39 -3.92 3.30
C SER B 36 -16.55 -2.79 3.84
N VAL B 37 -15.62 -3.10 4.73
CA VAL B 37 -14.67 -2.07 5.15
C VAL B 37 -13.93 -1.54 3.92
N MET B 38 -13.74 -2.35 2.87
CA MET B 38 -13.13 -1.92 1.63
C MET B 38 -13.90 -0.95 0.76
N GLU B 39 -15.16 -0.75 1.07
CA GLU B 39 -16.07 0.12 0.32
C GLU B 39 -16.39 1.42 1.00
N LEU B 40 -15.76 1.65 2.16
CA LEU B 40 -15.93 2.86 2.95
C LEU B 40 -15.02 3.97 2.47
N SER B 41 -15.49 5.19 2.52
CA SER B 41 -14.60 6.35 2.38
C SER B 41 -13.62 6.42 3.54
N HIS B 42 -12.38 6.81 3.21
CA HIS B 42 -11.43 6.96 4.30
C HIS B 42 -11.68 8.24 5.09
N ARG B 43 -12.64 9.06 4.62
CA ARG B 43 -13.01 10.22 5.42
C ARG B 43 -14.31 9.96 6.18
N SER B 44 -14.82 8.73 6.14
CA SER B 44 -16.00 8.30 6.88
C SER B 44 -15.69 8.12 8.36
N GLN B 45 -16.67 8.39 9.20
CA GLN B 45 -16.51 8.03 10.63
C GLN B 45 -16.29 6.54 10.78
N SER B 46 -16.95 5.73 9.97
CA SER B 46 -16.77 4.30 10.08
C SER B 46 -15.32 3.89 9.90
N TYR B 47 -14.65 4.40 8.82
CA TYR B 47 -13.25 4.02 8.65
C TYR B 47 -12.40 4.71 9.72
N GLU B 48 -12.62 6.01 9.99
CA GLU B 48 -11.77 6.72 10.94
C GLU B 48 -11.70 6.02 12.29
N GLU B 49 -12.80 5.40 12.70
CA GLU B 49 -12.82 4.68 13.98
C GLU B 49 -11.85 3.51 13.95
N VAL B 50 -11.81 2.81 12.82
CA VAL B 50 -10.91 1.66 12.70
C VAL B 50 -9.45 2.11 12.72
N HIS B 51 -9.20 3.17 11.94
CA HIS B 51 -7.86 3.78 11.82
C HIS B 51 -7.33 4.16 13.18
N GLU B 52 -8.18 4.89 13.94
CA GLU B 52 -7.82 5.30 15.29
C GLU B 52 -7.64 4.11 16.20
N GLN B 53 -8.51 3.10 16.11
CA GLN B 53 -8.40 1.93 16.99
C GLN B 53 -7.11 1.14 16.76
N ALA B 54 -6.67 1.07 15.51
CA ALA B 54 -5.38 0.43 15.24
C ALA B 54 -4.26 1.18 15.93
N GLN B 55 -4.26 2.53 15.85
CA GLN B 55 -3.26 3.29 16.52
C GLN B 55 -3.32 3.09 18.03
N ASN B 56 -4.54 3.14 18.58
CA ASN B 56 -4.73 3.02 20.01
C ASN B 56 -4.23 1.66 20.55
N LEU B 57 -4.54 0.60 19.79
CA LEU B 57 -4.09 -0.71 20.26
C LEU B 57 -2.59 -0.81 20.20
N LEU B 58 -1.93 -0.27 19.17
CA LEU B 58 -0.47 -0.28 19.15
C LEU B 58 0.07 0.48 20.34
N ARG B 59 -0.52 1.65 20.61
CA ARG B 59 -0.07 2.49 21.70
C ARG B 59 -0.16 1.77 23.04
N GLU B 60 -1.26 1.08 23.27
CA GLU B 60 -1.48 0.31 24.46
C GLU B 60 -0.52 -0.88 24.53
N LEU B 61 -0.43 -1.64 23.45
CA LEU B 61 0.31 -2.88 23.51
C LEU B 61 1.82 -2.67 23.64
N LEU B 62 2.34 -1.65 22.97
CA LEU B 62 3.77 -1.34 23.02
C LEU B 62 4.07 -0.26 24.07
N GLN B 63 3.06 0.27 24.74
CA GLN B 63 3.24 1.30 25.73
C GLN B 63 4.02 2.47 25.11
N ILE B 64 3.47 2.97 24.01
CA ILE B 64 4.09 4.07 23.27
C ILE B 64 3.78 5.41 23.91
N PRO B 65 4.79 6.14 24.39
CA PRO B 65 4.51 7.43 25.06
C PRO B 65 3.83 8.45 24.16
N ASN B 66 3.19 9.41 24.83
CA ASN B 66 2.38 10.42 24.12
C ASN B 66 3.22 11.27 23.19
N ASP B 67 4.52 11.42 23.43
CA ASP B 67 5.35 12.23 22.57
C ASP B 67 5.84 11.49 21.34
N TYR B 68 5.30 10.32 21.05
CA TYR B 68 5.51 9.63 19.81
C TYR B 68 4.20 9.60 19.02
N GLN B 69 4.31 9.67 17.69
CA GLN B 69 3.16 9.49 16.82
C GLN B 69 3.30 8.15 16.06
N ILE B 70 2.16 7.58 15.73
CA ILE B 70 2.03 6.31 15.05
C ILE B 70 1.48 6.58 13.65
N LEU B 71 2.33 6.32 12.66
CA LEU B 71 2.01 6.52 11.26
C LEU B 71 1.74 5.21 10.55
N PHE B 72 0.79 5.25 9.62
CA PHE B 72 0.49 4.13 8.73
C PHE B 72 0.77 4.55 7.33
N LEU B 73 1.82 4.05 6.74
CA LEU B 73 2.30 4.47 5.42
C LEU B 73 2.26 3.32 4.44
N GLN B 74 2.26 3.66 3.16
CA GLN B 74 2.47 2.68 2.09
C GLN B 74 3.94 2.63 1.72
N GLY B 75 4.33 1.59 1.00
CA GLY B 75 5.64 1.49 0.41
C GLY B 75 6.59 0.47 0.99
N GLY B 76 6.18 -0.14 2.09
CA GLY B 76 7.02 -1.13 2.74
C GLY B 76 8.13 -0.53 3.56
N ALA B 77 8.85 -1.44 4.27
CA ALA B 77 10.06 -0.97 4.91
C ALA B 77 11.05 -0.43 3.88
N SER B 78 11.04 -0.98 2.66
CA SER B 78 12.01 -0.52 1.68
C SER B 78 11.84 0.94 1.36
N LEU B 79 10.64 1.46 1.34
CA LEU B 79 10.54 2.92 1.12
C LEU B 79 11.10 3.67 2.31
N GLN B 80 10.99 3.15 3.52
CA GLN B 80 11.56 3.79 4.69
C GLN B 80 13.07 3.87 4.62
N PHE B 81 13.71 2.94 3.92
CA PHE B 81 15.16 3.03 3.73
C PHE B 81 15.57 4.34 3.07
N THR B 82 14.76 4.89 2.17
CA THR B 82 15.04 6.21 1.60
C THR B 82 14.34 7.35 2.32
N MET B 83 13.11 7.15 2.80
CA MET B 83 12.37 8.26 3.40
C MET B 83 13.11 8.75 4.65
N LEU B 84 13.71 7.86 5.43
CA LEU B 84 14.39 8.27 6.65
C LEU B 84 15.52 9.23 6.28
N PRO B 85 16.51 8.86 5.49
CA PRO B 85 17.60 9.83 5.21
C PRO B 85 17.06 11.04 4.47
N MET B 86 16.01 10.88 3.67
CA MET B 86 15.50 12.04 2.99
C MET B 86 15.05 13.13 3.97
N ASN B 87 14.55 12.71 5.10
CA ASN B 87 14.06 13.66 6.11
C ASN B 87 15.13 14.04 7.11
N LEU B 88 16.05 13.14 7.47
CA LEU B 88 16.91 13.45 8.61
C LEU B 88 18.38 13.60 8.22
N LEU B 89 18.83 13.09 7.08
CA LEU B 89 20.25 13.15 6.73
C LEU B 89 20.49 14.46 6.00
N THR B 90 20.71 15.48 6.81
CA THR B 90 20.83 16.84 6.29
C THR B 90 22.31 17.15 6.08
N LYS B 91 22.58 18.23 5.37
CA LYS B 91 23.95 18.56 5.02
C LYS B 91 24.87 18.66 6.23
N GLY B 92 26.04 18.08 6.17
CA GLY B 92 26.95 18.14 7.31
C GLY B 92 26.70 17.09 8.36
N THR B 93 25.72 16.20 8.19
CA THR B 93 25.43 15.17 9.16
C THR B 93 25.71 13.80 8.51
N ILE B 94 25.75 12.74 9.34
CA ILE B 94 26.10 11.40 8.91
C ILE B 94 25.02 10.39 9.23
N GLY B 95 24.69 9.55 8.26
CA GLY B 95 23.76 8.44 8.58
C GLY B 95 24.65 7.25 8.94
N ASN B 96 24.60 6.95 10.24
CA ASN B 96 25.47 5.93 10.84
C ASN B 96 24.69 4.63 11.00
N TYR B 97 25.20 3.53 10.45
CA TYR B 97 24.56 2.25 10.37
C TYR B 97 25.30 1.16 11.14
N VAL B 98 24.59 0.29 11.84
CA VAL B 98 25.14 -0.95 12.38
C VAL B 98 24.71 -2.08 11.43
N LEU B 99 25.69 -2.75 10.83
CA LEU B 99 25.36 -3.80 9.91
C LEU B 99 25.30 -5.18 10.60
N THR B 100 24.10 -5.76 10.62
CA THR B 100 23.90 -7.08 11.19
C THR B 100 23.23 -8.08 10.24
N GLY B 101 23.06 -7.65 8.97
CA GLY B 101 22.61 -8.60 7.95
C GLY B 101 22.37 -7.90 6.64
N SER B 102 21.72 -8.60 5.72
CA SER B 102 21.45 -8.04 4.40
C SER B 102 20.47 -6.88 4.42
N TRP B 103 19.43 -6.95 5.28
CA TRP B 103 18.52 -5.80 5.36
C TRP B 103 19.21 -4.52 5.86
N SER B 104 20.19 -4.68 6.76
CA SER B 104 20.97 -3.50 7.20
C SER B 104 21.70 -2.90 6.00
N GLU B 105 22.26 -3.77 5.14
CA GLU B 105 23.00 -3.30 4.00
C GLU B 105 22.10 -2.54 3.03
N LYS B 106 20.86 -3.04 2.85
CA LYS B 106 19.94 -2.38 1.92
C LYS B 106 19.57 -1.02 2.44
N ALA B 107 19.43 -0.86 3.74
CA ALA B 107 19.12 0.46 4.28
C ALA B 107 20.29 1.38 4.08
N LEU B 108 21.51 0.94 4.39
CA LEU B 108 22.70 1.76 4.24
C LEU B 108 22.80 2.25 2.80
N LYS B 109 22.57 1.36 1.83
CA LYS B 109 22.69 1.68 0.42
C LYS B 109 21.85 2.88 0.05
N GLU B 110 20.62 2.95 0.54
CA GLU B 110 19.74 4.05 0.16
C GLU B 110 20.22 5.37 0.79
N ALA B 111 20.76 5.29 2.01
CA ALA B 111 21.30 6.51 2.60
C ALA B 111 22.48 7.03 1.79
N LYS B 112 23.30 6.15 1.23
CA LYS B 112 24.49 6.59 0.51
C LYS B 112 24.17 7.47 -0.71
N LEU B 113 22.97 7.31 -1.26
CA LEU B 113 22.56 8.13 -2.39
C LEU B 113 22.25 9.53 -1.93
N LEU B 114 21.99 9.73 -0.65
CA LEU B 114 21.46 11.00 -0.20
C LEU B 114 22.40 11.79 0.69
N GLY B 115 23.45 11.21 1.23
CA GLY B 115 24.40 11.94 2.04
C GLY B 115 25.52 11.08 2.55
N GLU B 116 26.28 11.66 3.49
CA GLU B 116 27.38 10.97 4.08
C GLU B 116 26.88 9.85 5.01
N THR B 117 27.54 8.68 4.89
CA THR B 117 27.19 7.53 5.73
C THR B 117 28.45 7.02 6.44
N HIS B 118 28.21 6.12 7.37
CA HIS B 118 29.27 5.55 8.18
C HIS B 118 28.79 4.21 8.72
N ILE B 119 29.73 3.33 9.07
CA ILE B 119 29.43 2.01 9.62
C ILE B 119 29.98 2.02 11.04
N ALA B 120 29.04 2.06 11.97
CA ALA B 120 29.35 2.11 13.39
C ALA B 120 29.95 0.80 13.90
N ALA B 121 29.47 -0.28 13.30
CA ALA B 121 29.89 -1.62 13.68
C ALA B 121 29.30 -2.58 12.66
N SER B 122 29.92 -3.75 12.54
CA SER B 122 29.51 -4.68 11.51
C SER B 122 29.98 -6.09 11.84
N THR B 123 29.15 -7.10 11.65
CA THR B 123 29.60 -8.48 11.73
C THR B 123 29.60 -9.15 10.35
N LYS B 124 29.70 -8.31 9.30
CA LYS B 124 29.71 -8.86 7.95
C LYS B 124 30.86 -9.80 7.66
N ALA B 125 32.04 -9.52 8.19
CA ALA B 125 33.24 -10.33 7.96
C ALA B 125 33.09 -11.76 8.46
N ASN B 126 32.26 -11.97 9.46
CA ASN B 126 31.97 -13.31 9.97
C ASN B 126 30.59 -13.82 9.57
N SER B 127 30.12 -13.30 8.47
CA SER B 127 28.85 -13.75 7.90
C SER B 127 27.67 -13.53 8.83
N TYR B 128 27.70 -12.41 9.53
CA TYR B 128 26.53 -11.97 10.31
C TYR B 128 26.03 -13.09 11.24
N GLN B 129 26.96 -13.70 11.96
CA GLN B 129 26.54 -14.70 12.96
C GLN B 129 26.14 -14.11 14.28
N SER B 130 26.36 -12.86 14.56
CA SER B 130 26.13 -12.27 15.86
C SER B 130 25.81 -10.79 15.75
N ILE B 131 25.31 -10.24 16.84
CA ILE B 131 25.12 -8.80 17.01
C ILE B 131 26.41 -8.26 17.63
N PRO B 132 27.00 -7.20 17.13
CA PRO B 132 28.25 -6.68 17.69
C PRO B 132 28.02 -6.10 19.08
N ASP B 133 29.08 -6.17 19.88
CA ASP B 133 29.12 -5.56 21.20
C ASP B 133 28.99 -4.04 21.04
N PHE B 134 28.10 -3.49 21.85
CA PHE B 134 27.83 -2.07 21.81
C PHE B 134 29.09 -1.24 22.10
N SER B 135 30.02 -1.79 22.86
CA SER B 135 31.23 -1.08 23.20
C SER B 135 32.12 -0.82 21.99
N GLU B 136 31.83 -1.51 20.91
CA GLU B 136 32.54 -1.43 19.67
C GLU B 136 32.00 -0.35 18.72
N PHE B 137 30.89 0.26 19.07
CA PHE B 137 30.25 1.16 18.13
C PHE B 137 31.08 2.45 17.95
N GLN B 138 31.30 2.83 16.71
CA GLN B 138 32.04 4.04 16.36
C GLN B 138 31.02 5.11 16.02
N LEU B 139 30.88 6.06 16.91
CA LEU B 139 29.87 7.11 16.85
C LEU B 139 30.49 8.43 16.46
N ASN B 140 29.71 9.32 15.82
CA ASN B 140 30.23 10.62 15.41
C ASN B 140 29.40 11.74 15.99
N GLU B 141 30.00 12.87 16.34
CA GLU B 141 29.27 14.00 16.90
C GLU B 141 28.18 14.48 15.97
N ASN B 142 28.48 14.40 14.69
CA ASN B 142 27.52 14.85 13.65
C ASN B 142 26.69 13.77 13.04
N ASP B 143 26.54 12.67 13.75
CA ASP B 143 25.56 11.68 13.33
C ASP B 143 24.17 12.29 13.30
N ALA B 144 23.45 12.07 12.21
CA ALA B 144 22.03 12.40 12.14
C ALA B 144 21.17 11.39 12.89
N TYR B 145 21.65 10.15 12.92
CA TYR B 145 20.98 9.03 13.55
C TYR B 145 21.95 7.86 13.58
N LEU B 146 21.63 6.87 14.39
CA LEU B 146 22.22 5.58 14.40
C LEU B 146 21.15 4.55 14.01
N HIS B 147 21.35 3.84 12.89
CA HIS B 147 20.33 2.90 12.44
C HIS B 147 20.75 1.45 12.69
N ILE B 148 19.80 0.69 13.24
CA ILE B 148 19.98 -0.72 13.47
C ILE B 148 18.84 -1.51 12.87
N THR B 149 19.04 -2.80 12.68
CA THR B 149 18.07 -3.76 12.25
C THR B 149 17.85 -4.73 13.43
N SER B 150 16.68 -4.65 14.08
CA SER B 150 16.54 -5.41 15.34
C SER B 150 16.58 -6.90 15.17
N ASN B 151 15.98 -7.39 14.12
CA ASN B 151 15.93 -8.80 13.78
C ASN B 151 16.38 -8.94 12.32
N ASN B 152 17.46 -9.68 12.12
CA ASN B 152 18.08 -9.82 10.81
C ASN B 152 17.50 -11.06 10.16
N THR B 153 16.39 -10.82 9.44
CA THR B 153 15.48 -11.82 8.96
C THR B 153 16.15 -12.93 8.17
N ILE B 154 17.18 -12.63 7.37
CA ILE B 154 17.83 -13.62 6.53
C ILE B 154 18.83 -14.43 7.34
N TYR B 155 19.49 -13.85 8.32
CA TYR B 155 20.58 -14.46 9.08
C TYR B 155 20.12 -15.10 10.39
N GLY B 156 18.92 -14.82 10.84
CA GLY B 156 18.42 -15.45 12.06
C GLY B 156 19.07 -14.94 13.35
N THR B 157 19.46 -13.69 13.38
CA THR B 157 20.03 -13.07 14.58
C THR B 157 19.16 -11.93 15.02
N GLN B 158 19.24 -11.54 16.27
CA GLN B 158 18.36 -10.55 16.88
C GLN B 158 19.06 -9.88 18.06
N TYR B 159 18.83 -8.57 18.16
CA TYR B 159 19.22 -7.82 19.35
C TYR B 159 18.48 -8.32 20.58
N GLN B 160 19.23 -8.60 21.65
CA GLN B 160 18.70 -9.03 22.90
C GLN B 160 18.21 -7.86 23.75
N ASN B 161 18.86 -6.74 23.50
CA ASN B 161 18.58 -5.49 24.14
C ASN B 161 19.16 -4.43 23.21
N PHE B 162 18.95 -3.18 23.53
CA PHE B 162 19.28 -2.09 22.63
C PHE B 162 20.21 -1.09 23.30
N PRO B 163 21.08 -0.49 22.51
CA PRO B 163 22.07 0.42 23.10
C PRO B 163 21.42 1.71 23.58
N GLU B 164 22.03 2.31 24.58
CA GLU B 164 21.62 3.62 25.12
C GLU B 164 22.42 4.65 24.32
N ILE B 165 21.75 5.30 23.39
CA ILE B 165 22.25 6.28 22.42
C ILE B 165 21.71 7.64 22.79
N ASN B 166 22.55 8.61 23.07
CA ASN B 166 21.94 9.92 23.32
C ASN B 166 22.65 11.00 22.52
N HIS B 167 23.62 10.68 21.66
CA HIS B 167 24.22 11.71 20.81
C HIS B 167 23.41 11.95 19.55
N ALA B 168 22.46 11.10 19.18
CA ALA B 168 21.68 11.17 17.97
C ALA B 168 20.56 10.17 18.19
N PRO B 169 19.46 10.29 17.46
CA PRO B 169 18.39 9.30 17.64
C PRO B 169 18.73 7.91 17.16
N LEU B 170 18.29 6.92 17.92
CA LEU B 170 18.40 5.52 17.50
C LEU B 170 17.18 5.17 16.65
N ILE B 171 17.41 4.61 15.48
CA ILE B 171 16.39 4.26 14.52
C ILE B 171 16.49 2.76 14.23
N ALA B 172 15.36 2.06 14.26
CA ALA B 172 15.40 0.61 14.07
C ALA B 172 14.36 0.15 13.04
N ASP B 173 14.84 -0.67 12.13
CA ASP B 173 14.04 -1.50 11.24
C ASP B 173 13.66 -2.74 12.04
N MET B 174 12.42 -2.74 12.52
CA MET B 174 11.87 -3.84 13.32
C MET B 174 10.86 -4.68 12.52
N SER B 175 11.01 -4.69 11.20
CA SER B 175 10.08 -5.41 10.36
C SER B 175 9.78 -6.84 10.85
N SER B 176 10.80 -7.60 11.21
CA SER B 176 10.59 -9.00 11.52
C SER B 176 10.50 -9.33 12.99
N ASP B 177 10.46 -8.33 13.89
CA ASP B 177 10.23 -8.63 15.31
C ASP B 177 9.37 -7.59 16.05
N ILE B 178 8.77 -6.61 15.39
CA ILE B 178 7.95 -5.65 16.12
C ILE B 178 6.79 -6.32 16.82
N LEU B 179 6.54 -5.95 18.07
CA LEU B 179 5.45 -6.45 18.89
C LEU B 179 5.49 -7.98 18.98
N SER B 180 6.68 -8.55 19.04
CA SER B 180 6.89 -9.91 19.45
C SER B 180 7.31 -10.02 20.92
N ARG B 181 7.46 -8.90 21.60
CA ARG B 181 7.96 -8.81 22.95
C ARG B 181 7.78 -7.35 23.40
N PRO B 182 7.80 -7.09 24.70
CA PRO B 182 7.78 -5.68 25.15
C PRO B 182 9.01 -4.95 24.66
N LEU B 183 8.81 -3.66 24.52
CA LEU B 183 9.86 -2.76 24.05
C LEU B 183 9.85 -1.49 24.88
N LYS B 184 11.00 -0.89 25.09
CA LYS B 184 11.10 0.43 25.72
C LYS B 184 11.21 1.44 24.59
N VAL B 185 10.08 1.98 24.15
CA VAL B 185 10.07 2.81 22.96
C VAL B 185 10.90 4.06 23.19
N ASN B 186 11.05 4.51 24.42
CA ASN B 186 11.87 5.73 24.70
C ASN B 186 13.34 5.57 24.33
N GLN B 187 13.82 4.36 24.06
CA GLN B 187 15.19 4.20 23.58
C GLN B 187 15.35 4.70 22.14
N PHE B 188 14.26 4.89 21.38
CA PHE B 188 14.37 5.14 19.95
C PHE B 188 13.85 6.50 19.55
N GLY B 189 14.39 7.05 18.49
CA GLY B 189 13.80 8.18 17.80
C GLY B 189 12.77 7.73 16.79
N MET B 190 12.94 6.54 16.22
CA MET B 190 12.01 6.03 15.23
C MET B 190 12.12 4.53 15.14
N ILE B 191 10.99 3.88 14.95
CA ILE B 191 10.86 2.44 14.71
C ILE B 191 10.02 2.31 13.47
N TYR B 192 10.39 1.44 12.57
CA TYR B 192 9.52 1.16 11.44
C TYR B 192 9.47 -0.32 11.12
N ALA B 193 8.36 -0.74 10.49
CA ALA B 193 8.15 -2.16 10.20
C ALA B 193 7.10 -2.31 9.14
N GLY B 194 7.37 -3.01 8.04
CA GLY B 194 6.28 -3.49 7.23
C GLY B 194 5.38 -4.36 8.08
N ALA B 195 4.08 -4.36 7.88
CA ALA B 195 3.19 -5.10 8.75
C ALA B 195 3.24 -6.63 8.55
N GLN B 196 3.74 -7.07 7.40
CA GLN B 196 3.49 -8.44 6.92
C GLN B 196 4.26 -9.58 7.56
N LYS B 197 4.90 -9.35 8.68
CA LYS B 197 5.53 -10.43 9.44
C LYS B 197 4.79 -10.63 10.76
N ASN B 198 4.59 -9.59 11.58
CA ASN B 198 4.03 -9.77 12.91
C ASN B 198 2.75 -9.01 13.12
N LEU B 199 2.32 -8.15 12.22
CA LEU B 199 1.23 -7.22 12.52
C LEU B 199 0.02 -7.37 11.62
N GLY B 200 0.14 -8.02 10.48
CA GLY B 200 -0.94 -7.84 9.50
C GLY B 200 -0.47 -8.32 8.15
N PRO B 201 -1.29 -8.05 7.15
CA PRO B 201 -0.96 -8.34 5.77
C PRO B 201 -0.06 -7.26 5.21
N SER B 202 0.50 -7.55 4.05
CA SER B 202 1.35 -6.58 3.40
C SER B 202 0.48 -5.45 2.86
N GLY B 203 1.11 -4.28 2.71
CA GLY B 203 0.49 -3.09 2.15
C GLY B 203 0.43 -1.93 3.08
N VAL B 204 0.74 -2.11 4.33
CA VAL B 204 0.92 -1.01 5.28
C VAL B 204 2.23 -1.22 6.05
N THR B 205 2.87 -0.09 6.33
CA THR B 205 4.10 0.05 7.07
C THR B 205 3.81 0.91 8.30
N VAL B 206 4.15 0.41 9.49
CA VAL B 206 3.99 1.13 10.74
C VAL B 206 5.30 1.91 11.02
N VAL B 207 5.16 3.20 11.30
CA VAL B 207 6.27 4.03 11.69
C VAL B 207 5.91 4.73 12.99
N ILE B 208 6.70 4.48 14.04
CA ILE B 208 6.56 5.07 15.37
C ILE B 208 7.66 6.12 15.47
N VAL B 209 7.30 7.40 15.61
CA VAL B 209 8.34 8.44 15.54
C VAL B 209 8.15 9.44 16.66
N LYS B 210 9.32 9.81 17.20
CA LYS B 210 9.35 10.85 18.22
C LYS B 210 8.91 12.14 17.56
N LYS B 211 7.84 12.76 18.00
CA LYS B 211 7.18 13.80 17.18
C LYS B 211 8.14 14.94 16.91
N ASP B 212 8.93 15.34 17.89
CA ASP B 212 9.70 16.54 17.79
C ASP B 212 10.93 16.34 16.93
N LEU B 213 11.26 15.10 16.64
CA LEU B 213 12.31 14.86 15.67
C LEU B 213 11.85 15.24 14.26
N LEU B 214 10.55 15.09 13.96
CA LEU B 214 10.29 15.27 12.52
C LEU B 214 8.85 15.66 12.21
N VAL B 218 11.08 20.25 6.10
CA VAL B 218 12.17 19.71 5.24
C VAL B 218 11.81 20.12 3.80
N GLU B 219 12.18 21.39 3.59
CA GLU B 219 12.26 22.15 2.39
C GLU B 219 12.80 21.16 1.32
N GLN B 220 12.05 21.17 0.22
CA GLN B 220 12.48 20.49 -0.98
C GLN B 220 12.14 19.01 -1.01
N VAL B 221 11.61 18.45 0.08
CA VAL B 221 11.21 17.04 0.04
C VAL B 221 9.79 16.95 -0.49
N PRO B 222 9.53 16.07 -1.44
CA PRO B 222 8.15 15.89 -1.91
C PRO B 222 7.18 15.66 -0.78
N THR B 223 5.96 16.19 -0.94
CA THR B 223 4.94 16.16 0.10
C THR B 223 4.74 14.76 0.64
N MET B 224 4.58 13.76 -0.20
CA MET B 224 4.30 12.39 0.28
C MET B 224 5.48 11.78 1.02
N LEU B 225 6.67 12.33 0.85
CA LEU B 225 7.90 11.76 1.42
C LEU B 225 8.35 12.51 2.64
N GLN B 226 7.60 13.50 3.09
CA GLN B 226 7.84 14.14 4.39
C GLN B 226 7.11 13.42 5.51
N TYR B 227 7.79 13.04 6.60
CA TYR B 227 7.04 12.57 7.76
C TYR B 227 6.06 13.62 8.23
N ALA B 228 6.42 14.89 8.15
CA ALA B 228 5.54 15.92 8.64
C ALA B 228 4.16 15.88 8.02
N THR B 229 4.09 15.59 6.73
CA THR B 229 2.81 15.50 6.04
C THR B 229 1.88 14.52 6.71
N HIS B 230 2.44 13.36 7.01
CA HIS B 230 1.65 12.25 7.59
C HIS B 230 1.36 12.47 9.06
N ILE B 231 2.30 13.08 9.79
CA ILE B 231 2.06 13.43 11.19
C ILE B 231 0.90 14.39 11.28
N LYS B 232 0.95 15.48 10.50
CA LYS B 232 -0.06 16.54 10.59
C LYS B 232 -1.43 16.05 10.16
N SER B 233 -1.50 15.11 9.25
CA SER B 233 -2.75 14.60 8.70
C SER B 233 -3.20 13.30 9.38
N ASP B 234 -2.51 12.85 10.40
CA ASP B 234 -2.84 11.59 11.06
C ASP B 234 -2.91 10.41 10.12
N SER B 235 -1.98 10.35 9.18
CA SER B 235 -1.88 9.30 8.17
C SER B 235 -3.12 9.23 7.30
N LEU B 236 -3.78 10.35 7.08
CA LEU B 236 -4.93 10.47 6.21
C LEU B 236 -4.73 11.54 5.17
N TYR B 237 -3.46 11.87 4.84
CA TYR B 237 -3.19 12.88 3.82
C TYR B 237 -3.73 12.46 2.45
N ASN B 238 -3.41 11.25 2.09
CA ASN B 238 -4.02 10.64 0.90
C ASN B 238 -4.74 9.38 1.37
N THR B 239 -5.24 8.60 0.42
CA THR B 239 -6.05 7.44 0.80
C THR B 239 -5.15 6.37 1.41
N PRO B 240 -5.42 5.95 2.64
CA PRO B 240 -4.59 4.91 3.26
C PRO B 240 -5.02 3.55 2.69
N PRO B 241 -4.18 2.54 3.01
CA PRO B 241 -4.51 1.15 2.71
C PRO B 241 -5.50 0.64 3.73
N THR B 242 -6.78 0.95 3.49
CA THR B 242 -7.82 0.80 4.48
C THR B 242 -8.00 -0.65 4.96
N PHE B 243 -8.03 -1.60 4.03
CA PHE B 243 -8.19 -2.99 4.44
C PHE B 243 -6.98 -3.49 5.21
N SER B 244 -5.77 -3.08 4.80
CA SER B 244 -4.60 -3.54 5.54
C SER B 244 -4.61 -3.01 6.97
N ILE B 245 -5.05 -1.73 7.15
CA ILE B 245 -5.11 -1.16 8.50
C ILE B 245 -6.21 -1.82 9.32
N TYR B 246 -7.35 -2.13 8.70
CA TYR B 246 -8.39 -2.93 9.34
C TYR B 246 -7.84 -4.27 9.82
N MET B 247 -7.13 -4.97 8.97
CA MET B 247 -6.57 -6.27 9.35
C MET B 247 -5.54 -6.12 10.47
N LEU B 248 -4.71 -5.07 10.40
CA LEU B 248 -3.81 -4.75 11.50
C LEU B 248 -4.56 -4.62 12.80
N ARG B 249 -5.67 -3.85 12.76
CA ARG B 249 -6.50 -3.71 13.96
C ARG B 249 -6.92 -5.09 14.45
N ASN B 250 -7.44 -5.94 13.58
CA ASN B 250 -7.86 -7.28 14.00
C ASN B 250 -6.72 -8.07 14.61
N VAL B 251 -5.52 -8.00 14.05
CA VAL B 251 -4.39 -8.72 14.64
C VAL B 251 -4.05 -8.18 16.01
N LEU B 252 -4.05 -6.85 16.13
CA LEU B 252 -3.76 -6.24 17.42
C LEU B 252 -4.80 -6.61 18.47
N ASP B 253 -6.08 -6.73 18.10
CA ASP B 253 -7.08 -7.19 19.05
C ASP B 253 -6.77 -8.61 19.55
N TRP B 254 -6.26 -9.47 18.63
CA TRP B 254 -5.88 -10.85 18.99
C TRP B 254 -4.71 -10.85 19.96
N ILE B 255 -3.70 -10.01 19.69
CA ILE B 255 -2.58 -9.95 20.65
C ILE B 255 -3.06 -9.48 22.01
N LYS B 256 -3.89 -8.45 22.03
CA LYS B 256 -4.44 -7.93 23.30
C LYS B 256 -5.21 -9.04 24.01
N ASP B 257 -6.07 -9.76 23.30
CA ASP B 257 -6.90 -10.79 23.91
C ASP B 257 -6.10 -11.91 24.53
N LEU B 258 -4.91 -12.21 24.02
CA LEU B 258 -4.10 -13.28 24.60
C LEU B 258 -3.25 -12.77 25.76
N GLY B 259 -3.30 -11.48 26.03
CA GLY B 259 -2.56 -10.98 27.17
C GLY B 259 -1.47 -10.00 26.86
N GLY B 260 -1.33 -9.54 25.63
CA GLY B 260 -0.43 -8.49 25.26
C GLY B 260 0.99 -8.94 25.00
N ALA B 261 1.93 -8.02 25.02
CA ALA B 261 3.28 -8.23 24.58
C ALA B 261 4.04 -9.23 25.46
N GLU B 262 3.79 -9.28 26.76
CA GLU B 262 4.44 -10.25 27.59
C GLU B 262 3.95 -11.66 27.31
N ALA B 263 2.64 -11.76 27.07
CA ALA B 263 2.10 -13.06 26.75
C ALA B 263 2.60 -13.59 25.41
N ILE B 264 2.62 -12.74 24.42
CA ILE B 264 3.13 -13.20 23.12
C ILE B 264 4.60 -13.55 23.20
N ALA B 265 5.38 -12.80 24.01
CA ALA B 265 6.79 -13.14 24.18
C ALA B 265 6.97 -14.52 24.77
N LYS B 266 6.17 -14.88 25.76
CA LYS B 266 6.27 -16.22 26.32
C LYS B 266 5.96 -17.29 25.28
N GLN B 267 4.94 -17.03 24.44
CA GLN B 267 4.63 -17.99 23.39
C GLN B 267 5.78 -18.11 22.40
N ASN B 268 6.33 -16.97 22.00
CA ASN B 268 7.41 -16.97 21.02
C ASN B 268 8.66 -17.62 21.57
N GLU B 269 8.95 -17.40 22.86
CA GLU B 269 10.09 -18.08 23.47
C GLU B 269 9.92 -19.59 23.47
N GLU B 270 8.70 -20.10 23.72
CA GLU B 270 8.43 -21.53 23.72
C GLU B 270 8.58 -22.10 22.30
N LYS B 271 8.07 -21.41 21.31
CA LYS B 271 8.19 -21.85 19.93
C LYS B 271 9.64 -21.99 19.51
N ALA B 272 10.41 -20.94 19.81
CA ALA B 272 11.81 -20.92 19.46
C ALA B 272 12.57 -22.01 20.20
N LYS B 273 12.25 -22.22 21.47
CA LYS B 273 12.90 -23.26 22.26
C LYS B 273 12.70 -24.62 21.61
N ILE B 274 11.53 -24.94 21.10
CA ILE B 274 11.31 -26.21 20.47
C ILE B 274 12.24 -26.43 19.32
N ILE B 275 12.43 -25.41 18.49
CA ILE B 275 13.27 -25.60 17.31
C ILE B 275 14.74 -25.60 17.69
N TYR B 276 15.20 -24.69 18.53
CA TYR B 276 16.60 -24.68 18.92
C TYR B 276 16.99 -25.92 19.73
N ASP B 277 16.14 -26.41 20.60
CA ASP B 277 16.48 -27.62 21.34
C ASP B 277 16.63 -28.79 20.37
N THR B 278 15.80 -28.77 19.32
CA THR B 278 15.91 -29.86 18.36
C THR B 278 17.24 -29.81 17.62
N ILE B 279 17.65 -28.62 17.24
CA ILE B 279 18.96 -28.42 16.61
C ILE B 279 20.06 -28.82 17.59
N ASP B 280 19.99 -28.34 18.81
CA ASP B 280 21.07 -28.55 19.76
C ASP B 280 21.20 -29.99 20.20
N GLU B 281 20.11 -30.74 20.20
CA GLU B 281 20.16 -32.14 20.60
C GLU B 281 20.46 -33.05 19.45
N SER B 282 20.68 -32.53 18.26
CA SER B 282 20.81 -33.34 17.04
C SER B 282 22.22 -33.86 16.79
N ASN B 283 23.15 -33.67 17.70
CA ASN B 283 24.52 -34.19 17.55
C ASN B 283 25.12 -33.73 16.24
N GLY B 284 24.87 -32.52 15.85
CA GLY B 284 25.43 -31.87 14.67
C GLY B 284 24.75 -32.19 13.39
N PHE B 285 23.64 -32.94 13.38
CA PHE B 285 22.91 -33.20 12.13
C PHE B 285 22.26 -31.94 11.61
N TYR B 286 21.74 -31.08 12.46
CA TYR B 286 21.27 -29.74 12.13
C TYR B 286 22.20 -28.75 12.82
N VAL B 287 22.64 -27.70 12.13
CA VAL B 287 23.54 -26.69 12.67
C VAL B 287 22.93 -25.33 12.46
N GLY B 288 22.77 -24.54 13.48
CA GLY B 288 22.27 -23.20 13.35
C GLY B 288 23.34 -22.26 12.83
N HIS B 289 22.88 -21.26 12.09
CA HIS B 289 23.80 -20.23 11.61
C HIS B 289 24.27 -19.24 12.68
N ALA B 290 23.35 -18.84 13.57
CA ALA B 290 23.57 -17.82 14.56
C ALA B 290 24.35 -18.32 15.76
N GLU B 291 25.24 -17.48 16.23
CA GLU B 291 25.82 -17.70 17.53
C GLU B 291 24.71 -17.79 18.58
N LYS B 292 24.89 -18.65 19.56
CA LYS B 292 23.78 -18.87 20.52
C LYS B 292 23.31 -17.58 21.14
N GLY B 293 24.25 -16.71 21.50
CA GLY B 293 23.89 -15.48 22.19
C GLY B 293 23.13 -14.48 21.36
N SER B 294 23.04 -14.69 20.05
CA SER B 294 22.38 -13.77 19.12
C SER B 294 21.18 -14.42 18.45
N ARG B 295 20.80 -15.61 18.90
CA ARG B 295 19.75 -16.31 18.19
C ARG B 295 18.45 -15.56 18.13
N SER B 296 17.82 -15.46 16.99
CA SER B 296 16.53 -14.85 16.80
C SER B 296 15.40 -15.75 17.34
N LEU B 297 14.40 -15.12 17.92
CA LEU B 297 13.15 -15.77 18.29
C LEU B 297 12.11 -15.80 17.15
N MET B 298 12.43 -15.13 16.02
CA MET B 298 11.55 -14.92 14.90
C MET B 298 11.91 -15.70 13.67
N ASN B 299 13.19 -15.83 13.36
CA ASN B 299 13.62 -16.57 12.19
C ASN B 299 14.77 -17.49 12.58
N VAL B 300 14.54 -18.79 12.48
CA VAL B 300 15.53 -19.77 12.92
C VAL B 300 16.22 -20.33 11.69
N THR B 301 17.51 -20.03 11.54
CA THR B 301 18.26 -20.41 10.35
C THR B 301 19.20 -21.57 10.66
N PHE B 302 19.21 -22.55 9.78
CA PHE B 302 20.03 -23.73 10.01
C PHE B 302 20.27 -24.47 8.72
N ASN B 303 21.22 -25.37 8.75
CA ASN B 303 21.49 -26.26 7.64
C ASN B 303 21.83 -27.66 8.13
N LEU B 304 21.69 -28.58 7.19
CA LEU B 304 22.12 -29.97 7.39
C LEU B 304 23.57 -30.11 6.91
N ARG B 305 24.16 -31.29 7.00
CA ARG B 305 25.65 -31.34 6.86
C ARG B 305 26.11 -31.14 5.42
N ASN B 306 25.27 -31.32 4.41
CA ASN B 306 25.62 -31.07 3.02
C ASN B 306 24.39 -30.63 2.23
N GLU B 307 24.63 -30.13 1.03
CA GLU B 307 23.52 -29.55 0.31
C GLU B 307 22.55 -30.60 -0.15
N GLU B 308 23.03 -31.78 -0.46
CA GLU B 308 22.12 -32.87 -0.82
C GLU B 308 21.13 -33.17 0.28
N LEU B 309 21.61 -33.27 1.51
CA LEU B 309 20.72 -33.52 2.64
C LEU B 309 19.81 -32.32 2.88
N ASN B 310 20.32 -31.09 2.75
CA ASN B 310 19.47 -29.92 2.84
C ASN B 310 18.27 -30.00 1.88
N GLN B 311 18.59 -30.33 0.64
CA GLN B 311 17.52 -30.43 -0.34
C GLN B 311 16.58 -31.59 -0.02
N GLN B 312 17.09 -32.71 0.39
CA GLN B 312 16.23 -33.85 0.75
C GLN B 312 15.28 -33.47 1.87
N PHE B 313 15.83 -32.80 2.90
CA PHE B 313 15.00 -32.38 4.01
C PHE B 313 13.91 -31.39 3.57
N LEU B 314 14.29 -30.41 2.78
CA LEU B 314 13.31 -29.43 2.38
C LEU B 314 12.23 -30.04 1.50
N ALA B 315 12.61 -31.01 0.68
CA ALA B 315 11.63 -31.70 -0.16
C ALA B 315 10.63 -32.49 0.67
N LYS B 316 11.15 -33.19 1.68
CA LYS B 316 10.30 -33.95 2.56
C LYS B 316 9.38 -33.02 3.31
N ALA B 317 9.88 -31.89 3.79
CA ALA B 317 9.04 -30.93 4.51
C ALA B 317 7.93 -30.48 3.60
N LYS B 318 8.26 -30.16 2.36
CA LYS B 318 7.23 -29.65 1.48
C LYS B 318 6.18 -30.73 1.26
N GLU B 319 6.64 -31.96 1.10
CA GLU B 319 5.70 -33.05 0.92
C GLU B 319 4.75 -33.23 2.09
N GLN B 320 5.22 -32.95 3.29
CA GLN B 320 4.46 -33.13 4.50
C GLN B 320 3.66 -31.88 4.89
N GLY B 321 3.61 -30.85 4.05
CA GLY B 321 2.75 -29.72 4.24
C GLY B 321 3.38 -28.49 4.82
N PHE B 322 4.69 -28.51 5.01
CA PHE B 322 5.39 -27.33 5.49
C PHE B 322 5.66 -26.35 4.37
N VAL B 323 5.36 -25.10 4.62
CA VAL B 323 5.48 -24.04 3.61
C VAL B 323 6.47 -22.99 4.08
N GLY B 324 7.38 -22.61 3.21
CA GLY B 324 8.25 -21.47 3.48
C GLY B 324 9.58 -21.78 4.06
N LEU B 325 9.98 -23.01 4.29
CA LEU B 325 11.21 -23.34 5.01
C LEU B 325 12.51 -23.15 4.21
N ASN B 326 12.45 -22.96 2.90
CA ASN B 326 13.70 -22.78 2.16
C ASN B 326 14.39 -21.52 2.66
N GLY B 327 15.71 -21.58 2.92
CA GLY B 327 16.41 -20.39 3.32
C GLY B 327 16.37 -19.34 2.22
N HIS B 328 16.67 -18.09 2.62
CA HIS B 328 16.78 -17.06 1.58
C HIS B 328 17.82 -17.46 0.55
N ARG B 329 17.54 -17.11 -0.71
CA ARG B 329 18.40 -17.51 -1.82
C ARG B 329 19.86 -17.10 -1.63
N SER B 330 20.02 -15.97 -0.93
CA SER B 330 21.35 -15.43 -0.81
C SER B 330 22.22 -16.26 0.12
N VAL B 331 21.60 -17.08 0.96
CA VAL B 331 22.35 -17.86 1.95
C VAL B 331 22.07 -19.35 1.90
N GLY B 332 20.95 -19.76 1.28
CA GLY B 332 20.73 -21.22 1.31
C GLY B 332 20.30 -21.73 2.67
N GLY B 333 20.45 -23.06 2.86
CA GLY B 333 19.91 -23.74 3.99
C GLY B 333 18.44 -23.64 4.23
N CYS B 334 18.05 -23.58 5.47
CA CYS B 334 16.67 -23.60 5.93
C CYS B 334 16.39 -22.38 6.81
N ARG B 335 15.14 -21.94 6.81
CA ARG B 335 14.75 -20.85 7.67
C ARG B 335 13.31 -21.14 8.14
N ALA B 336 13.15 -21.32 9.47
CA ALA B 336 11.81 -21.46 10.05
C ALA B 336 11.41 -20.09 10.61
N SER B 337 10.47 -19.44 9.93
CA SER B 337 9.94 -18.16 10.42
C SER B 337 8.76 -18.43 11.36
N ILE B 338 8.91 -17.92 12.57
CA ILE B 338 7.99 -18.25 13.67
C ILE B 338 7.47 -16.99 14.32
N TYR B 339 7.01 -16.07 13.47
CA TYR B 339 6.39 -14.84 13.88
C TYR B 339 5.18 -15.09 14.78
N ASN B 340 4.65 -14.02 15.36
CA ASN B 340 3.61 -14.15 16.35
C ASN B 340 2.50 -15.17 16.09
N ALA B 341 1.98 -15.15 14.87
CA ALA B 341 0.80 -15.97 14.62
C ALA B 341 1.12 -17.38 14.20
N VAL B 342 2.38 -17.72 14.05
CA VAL B 342 2.72 -19.12 13.78
C VAL B 342 2.44 -19.92 15.04
N PRO B 343 1.60 -20.94 15.05
CA PRO B 343 1.22 -21.56 16.30
C PRO B 343 2.28 -22.52 16.82
N ILE B 344 2.24 -22.74 18.12
CA ILE B 344 3.17 -23.70 18.72
C ILE B 344 3.00 -25.07 18.11
N ASP B 345 1.78 -25.52 17.77
CA ASP B 345 1.64 -26.86 17.20
C ASP B 345 2.41 -27.01 15.87
N ALA B 346 2.59 -25.93 15.11
CA ALA B 346 3.35 -26.02 13.89
C ALA B 346 4.84 -26.24 14.18
N CYS B 347 5.30 -25.59 15.25
CA CYS B 347 6.70 -25.81 15.66
C CYS B 347 6.91 -27.22 16.18
N ILE B 348 5.96 -27.75 16.95
CA ILE B 348 6.03 -29.13 17.39
C ILE B 348 6.08 -30.04 16.19
N ALA B 349 5.24 -29.77 15.19
CA ALA B 349 5.22 -30.61 14.01
C ALA B 349 6.56 -30.57 13.29
N LEU B 350 7.16 -29.38 13.17
CA LEU B 350 8.47 -29.25 12.56
C LEU B 350 9.51 -30.02 13.33
N ARG B 351 9.52 -29.93 14.66
CA ARG B 351 10.43 -30.77 15.43
C ARG B 351 10.26 -32.23 15.09
N GLU B 352 9.00 -32.69 15.07
CA GLU B 352 8.81 -34.12 14.90
C GLU B 352 9.30 -34.58 13.52
N LEU B 353 9.11 -33.72 12.51
CA LEU B 353 9.63 -33.98 11.20
C LEU B 353 11.15 -34.05 11.22
N MET B 354 11.78 -33.11 11.87
CA MET B 354 13.23 -33.05 11.98
C MET B 354 13.80 -34.25 12.69
N ILE B 355 13.13 -34.71 13.76
CA ILE B 355 13.60 -35.90 14.46
C ILE B 355 13.44 -37.14 13.62
N GLN B 356 12.30 -37.31 12.94
CA GLN B 356 12.12 -38.46 12.06
C GLN B 356 13.11 -38.48 10.90
N PHE B 357 13.34 -37.31 10.34
CA PHE B 357 14.25 -37.21 9.20
C PHE B 357 15.65 -37.63 9.59
N LYS B 358 16.11 -37.16 10.76
CA LYS B 358 17.43 -37.57 11.19
C LYS B 358 17.43 -39.07 11.46
N GLU B 359 16.39 -39.59 12.08
CA GLU B 359 16.38 -41.00 12.43
C GLU B 359 16.41 -41.89 11.19
N ASN B 360 15.85 -41.40 10.10
CA ASN B 360 15.76 -42.22 8.87
C ASN B 360 16.93 -41.95 7.93
N ALA B 361 17.84 -41.04 8.30
CA ALA B 361 18.96 -40.69 7.44
C ALA B 361 20.02 -41.77 7.41
N1 PLP C . -6.11 11.83 -8.56
C2 PLP C . -7.46 11.73 -8.74
C2A PLP C . -8.04 12.12 -10.10
C3 PLP C . -8.24 11.22 -7.72
O3 PLP C . -9.55 11.08 -7.89
C4 PLP C . -7.66 10.83 -6.50
C4A PLP C . -8.45 10.39 -5.29
C5 PLP C . -6.28 11.01 -6.32
C6 PLP C . -5.53 11.53 -7.37
C5A PLP C . -5.56 10.73 -5.01
O4P PLP C . -5.33 9.30 -4.90
P PLP C . -4.58 8.69 -3.58
O1P PLP C . -5.43 9.06 -2.44
O2P PLP C . -3.23 9.34 -3.56
O3P PLP C . -4.51 7.23 -3.90
MG MG D . -14.79 -14.72 -16.29
MG MG E . -30.52 -4.20 -6.36
CL CL F . -10.66 17.54 -9.39
CL CL G . -11.84 13.22 -4.69
C1 PGE H . -2.26 29.20 -11.67
O1 PGE H . -2.99 30.40 -11.27
C2 PGE H . -2.77 27.92 -11.23
O2 PGE H . -2.49 27.55 -9.87
C3 PGE H . -2.54 26.22 -9.31
C4 PGE H . -3.15 26.13 -7.99
O4 PGE H . -5.16 28.71 -5.87
C6 PGE H . -4.20 27.93 -5.09
C5 PGE H . -3.55 26.93 -5.94
O3 PGE H . -3.51 27.37 -7.34
C1 PEG I . -20.77 15.02 -23.05
O1 PEG I . -21.85 14.74 -23.95
C2 PEG I . -20.66 14.00 -22.00
O2 PEG I . -21.90 13.76 -21.32
C3 PEG I . -22.08 12.83 -20.24
C4 PEG I . -23.45 12.82 -19.72
O4 PEG I . -24.31 12.48 -20.83
N1 PLP J . 13.57 -5.09 6.58
C2 PLP J . 13.49 -6.33 7.14
C2A PLP J . 14.27 -6.54 8.45
C3 PLP J . 12.69 -7.28 6.59
O3 PLP J . 12.55 -8.48 7.26
C4 PLP J . 11.99 -7.01 5.43
C4A PLP J . 10.90 -7.99 4.92
C5 PLP J . 12.16 -5.77 4.82
C6 PLP J . 12.93 -4.82 5.39
C5A PLP J . 11.52 -5.44 3.44
O4P PLP J . 10.15 -5.08 3.60
P PLP J . 9.24 -4.62 2.33
O1P PLP J . 9.24 -5.78 1.41
O2P PLP J . 9.93 -3.42 1.76
O3P PLP J . 7.92 -4.32 2.96
MG MG K . 17.07 -28.85 27.17
MG MG L . -10.26 -7.87 22.93
MG MG M . 23.79 -15.79 11.32
MG MG M . 24.04 -23.08 9.42
CL CL N . 19.13 -9.91 7.31
CL CL O . 13.78 -11.84 4.33
C1 PEG P . 19.87 -15.33 23.47
O1 PEG P . 19.93 -15.76 24.83
C2 PEG P . 18.59 -15.45 22.79
O2 PEG P . 18.26 -16.86 22.56
C3 PEG P . 16.98 -17.24 22.04
C4 PEG P . 16.79 -18.69 21.87
O4 PEG P . 17.19 -19.53 22.97
#